data_7O78
#
_entry.id   7O78
#
_cell.length_a   78.330
_cell.length_b   87.450
_cell.length_c   148.490
_cell.angle_alpha   90.000
_cell.angle_beta   90.000
_cell.angle_gamma   90.000
#
_symmetry.space_group_name_H-M   'P 21 21 21'
#
loop_
_entity.id
_entity.type
_entity.pdbx_description
1 polymer 'Polysaccharide lyase from Pseudopedobacter saltans, Pedsa3807'
2 water water
#
_entity_poly.entity_id   1
_entity_poly.type   'polypeptide(L)'
_entity_poly.pdbx_seq_one_letter_code
;GKHILVASVKEVYSKVDQLKAGDTLLLKDGIYKDIQLVVKRSGSKEKPIVIAAQNGGKVFFTGDAKVELRGEYLVLKDIY
FKDGNRNVNQWKSHGPGLVAIYGSYNRVTGCVFNAFDEANSAYITTSLTEEGKVPKHCRIDHCVFTDKITFDQVINLNNR
PRADKESKVLGEAMYHRIDHCFFSNPPKPGNAGGGIRVGYYRNDIGRCLIDSNLFVRQDSEAEIVTSKSQENVYYGNTIL
NCQGTLNFRHGDKQVALNNFFISTDNKYGYGGMFVWGSQHIIANNYFNLKKTIKARGNAALYLNPGPEGSEHALAFNSLI
VNNFFDDNNGYDINFEPLLERRKEFAKEVNAEFKLPYNITIEGNLFASKQGDKHIPFLGNLDKNNLQNNYSFGQMANDKL
FTNVKPTTDGSYNPQSYKGYQLANVKDIKNIEGIDLDIQNLINKGIEGNPLTWNDVRPSWLVEIPGSYAKEGTLDQETKI
RFQRVLARDRNN
;
_entity_poly.pdbx_strand_id   A,B
#
# COMPACT_ATOMS: atom_id res chain seq x y z
N LYS A 2 9.94 -3.60 -24.70
CA LYS A 2 8.91 -4.14 -25.58
C LYS A 2 8.45 -5.51 -25.10
N HIS A 3 7.28 -5.97 -25.55
CA HIS A 3 6.79 -7.32 -25.31
C HIS A 3 7.24 -8.26 -26.42
N ILE A 4 7.88 -9.36 -26.05
CA ILE A 4 8.41 -10.32 -27.01
C ILE A 4 7.65 -11.62 -26.78
N LEU A 5 6.84 -12.06 -27.74
CA LEU A 5 6.06 -13.28 -27.51
C LEU A 5 6.87 -14.48 -27.97
N VAL A 6 6.83 -15.56 -27.19
CA VAL A 6 7.47 -16.81 -27.56
C VAL A 6 6.51 -17.94 -27.22
N ALA A 7 6.57 -19.06 -27.98
CA ALA A 7 5.60 -20.12 -27.77
C ALA A 7 6.20 -21.52 -27.64
N SER A 8 7.50 -21.64 -27.45
CA SER A 8 8.11 -22.97 -27.30
C SER A 8 9.41 -22.82 -26.53
N VAL A 9 9.94 -23.94 -26.01
CA VAL A 9 11.22 -23.87 -25.32
C VAL A 9 12.32 -23.32 -26.23
N LYS A 10 12.40 -23.83 -27.46
CA LYS A 10 13.43 -23.32 -28.38
C LYS A 10 13.25 -21.81 -28.62
N GLU A 11 12.01 -21.32 -28.73
CA GLU A 11 11.83 -19.87 -28.94
C GLU A 11 12.24 -19.07 -27.70
N VAL A 12 12.00 -19.61 -26.50
CA VAL A 12 12.54 -18.95 -25.30
C VAL A 12 14.06 -18.85 -25.38
N TYR A 13 14.75 -19.96 -25.72
CA TYR A 13 16.21 -19.91 -25.77
C TYR A 13 16.70 -18.96 -26.85
N SER A 14 15.92 -18.77 -27.91
CA SER A 14 16.34 -17.89 -29.01
C SER A 14 16.25 -16.42 -28.64
N LYS A 15 15.51 -16.06 -27.58
CA LYS A 15 15.35 -14.66 -27.18
C LYS A 15 16.02 -14.30 -25.86
N VAL A 16 16.16 -15.24 -24.93
CA VAL A 16 16.55 -14.92 -23.56
C VAL A 16 17.90 -14.19 -23.44
N ASP A 17 18.86 -14.48 -24.32
CA ASP A 17 20.16 -13.83 -24.23
C ASP A 17 20.20 -12.48 -24.94
N GLN A 18 19.10 -12.07 -25.59
CA GLN A 18 18.97 -10.77 -26.23
C GLN A 18 18.03 -9.82 -25.49
N LEU A 19 17.55 -10.19 -24.31
CA LEU A 19 16.67 -9.30 -23.56
C LEU A 19 17.40 -8.08 -23.03
N LYS A 20 16.69 -6.95 -23.02
CA LYS A 20 17.25 -5.68 -22.56
C LYS A 20 16.33 -5.12 -21.48
N ALA A 21 16.85 -4.20 -20.68
CA ALA A 21 16.06 -3.54 -19.64
C ALA A 21 14.73 -3.01 -20.18
N GLY A 22 13.65 -3.33 -19.48
CA GLY A 22 12.33 -2.98 -19.91
C GLY A 22 11.62 -3.97 -20.81
N ASP A 23 12.31 -5.01 -21.30
CA ASP A 23 11.66 -6.02 -22.13
C ASP A 23 10.83 -6.97 -21.25
N THR A 24 9.70 -7.42 -21.79
CA THR A 24 8.90 -8.50 -21.20
C THR A 24 8.88 -9.64 -22.20
N LEU A 25 9.40 -10.79 -21.78
CA LEU A 25 9.34 -12.02 -22.57
C LEU A 25 8.06 -12.72 -22.15
N LEU A 26 7.06 -12.74 -23.03
CA LEU A 26 5.74 -13.26 -22.70
C LEU A 26 5.60 -14.66 -23.29
N LEU A 27 5.39 -15.67 -22.43
CA LEU A 27 5.21 -17.03 -22.89
C LEU A 27 3.77 -17.33 -23.23
N LYS A 28 3.52 -17.81 -24.45
CA LYS A 28 2.17 -18.22 -24.84
C LYS A 28 1.78 -19.45 -24.05
N ASP A 29 0.46 -19.65 -23.90
CA ASP A 29 -0.07 -20.83 -23.22
C ASP A 29 0.59 -22.12 -23.68
N GLY A 30 0.84 -23.01 -22.75
CA GLY A 30 1.35 -24.32 -23.13
C GLY A 30 2.32 -24.89 -22.11
N ILE A 31 2.81 -26.10 -22.45
CA ILE A 31 3.72 -26.88 -21.63
C ILE A 31 5.14 -26.70 -22.16
N TYR A 32 6.04 -26.20 -21.31
CA TYR A 32 7.46 -25.98 -21.67
C TYR A 32 8.23 -27.09 -20.96
N LYS A 33 8.39 -28.25 -21.65
CA LYS A 33 9.01 -29.42 -21.01
C LYS A 33 10.51 -29.37 -21.10
N ASP A 34 11.19 -29.71 -19.97
CA ASP A 34 12.64 -29.77 -19.80
C ASP A 34 13.29 -28.41 -19.99
N ILE A 35 12.54 -27.32 -19.76
CA ILE A 35 13.09 -25.97 -20.00
C ILE A 35 14.14 -25.66 -18.95
N GLN A 36 15.34 -25.28 -19.40
CA GLN A 36 16.41 -24.91 -18.48
C GLN A 36 16.65 -23.44 -18.76
N LEU A 37 15.96 -22.59 -17.99
CA LEU A 37 15.90 -21.17 -18.24
C LEU A 37 17.01 -20.50 -17.46
N VAL A 38 18.02 -19.98 -18.18
CA VAL A 38 19.16 -19.36 -17.54
C VAL A 38 19.19 -17.91 -18.02
N VAL A 39 18.91 -16.98 -17.11
CA VAL A 39 18.75 -15.58 -17.50
C VAL A 39 20.02 -14.85 -17.06
N LYS A 40 20.88 -14.54 -18.04
CA LYS A 40 22.17 -13.93 -17.76
C LYS A 40 22.15 -12.41 -17.90
N ARG A 41 21.27 -11.89 -18.77
CA ARG A 41 21.16 -10.44 -18.98
C ARG A 41 20.56 -9.77 -17.74
N SER A 42 20.67 -8.45 -17.68
CA SER A 42 20.22 -7.71 -16.51
C SER A 42 19.29 -6.58 -16.93
N GLY A 43 18.31 -6.30 -16.10
CA GLY A 43 17.52 -5.09 -16.25
C GLY A 43 18.16 -3.96 -15.47
N SER A 44 17.37 -2.89 -15.26
CA SER A 44 17.79 -1.79 -14.40
C SER A 44 16.75 -1.56 -13.33
N LYS A 45 17.14 -0.73 -12.33
CA LYS A 45 16.25 -0.36 -11.24
C LYS A 45 14.90 0.12 -11.75
N GLU A 46 14.92 1.00 -12.73
CA GLU A 46 13.67 1.53 -13.24
C GLU A 46 13.00 0.63 -14.28
N LYS A 47 13.73 -0.30 -14.91
CA LYS A 47 13.18 -1.07 -16.03
C LYS A 47 13.69 -2.51 -15.91
N PRO A 48 13.04 -3.32 -15.09
CA PRO A 48 13.43 -4.73 -14.98
C PRO A 48 13.20 -5.46 -16.29
N ILE A 49 13.80 -6.64 -16.39
CA ILE A 49 13.48 -7.59 -17.45
C ILE A 49 12.48 -8.58 -16.88
N VAL A 50 11.32 -8.74 -17.51
CA VAL A 50 10.26 -9.61 -16.97
C VAL A 50 10.14 -10.84 -17.87
N ILE A 51 10.13 -12.04 -17.27
CA ILE A 51 9.77 -13.25 -17.99
C ILE A 51 8.47 -13.78 -17.38
N ALA A 52 7.40 -13.80 -18.16
CA ALA A 52 6.08 -14.03 -17.58
C ALA A 52 5.20 -14.83 -18.51
N ALA A 53 4.27 -15.57 -17.91
CA ALA A 53 3.18 -16.14 -18.67
C ALA A 53 2.33 -15.02 -19.26
N GLN A 54 1.94 -15.15 -20.53
CA GLN A 54 0.91 -14.24 -21.06
C GLN A 54 -0.36 -14.36 -20.24
N ASN A 55 -0.75 -15.59 -19.91
CA ASN A 55 -1.95 -15.88 -19.14
C ASN A 55 -1.57 -16.74 -17.93
N GLY A 56 -1.59 -16.15 -16.73
CA GLY A 56 -1.27 -16.91 -15.53
C GLY A 56 -2.10 -18.16 -15.39
N GLY A 57 -1.47 -19.35 -15.12
CA GLY A 57 -2.19 -20.59 -15.00
C GLY A 57 -2.27 -21.38 -16.28
N LYS A 58 -1.78 -20.82 -17.41
CA LYS A 58 -1.73 -21.51 -18.70
C LYS A 58 -0.32 -21.88 -19.16
N VAL A 59 0.72 -21.44 -18.46
CA VAL A 59 2.09 -21.82 -18.74
C VAL A 59 2.61 -22.77 -17.67
N PHE A 60 3.16 -23.89 -18.11
CA PHE A 60 3.67 -24.87 -17.17
C PHE A 60 5.12 -25.17 -17.51
N PHE A 61 5.97 -25.20 -16.49
CA PHE A 61 7.35 -25.64 -16.63
C PHE A 61 7.41 -27.03 -16.04
N THR A 62 7.72 -28.00 -16.89
CA THR A 62 7.57 -29.39 -16.51
C THR A 62 8.84 -30.16 -16.91
N GLY A 63 8.85 -31.45 -16.56
CA GLY A 63 10.00 -32.24 -16.98
C GLY A 63 11.28 -31.92 -16.25
N ASP A 64 12.40 -32.09 -16.94
CA ASP A 64 13.71 -31.89 -16.34
C ASP A 64 14.04 -30.41 -16.50
N ALA A 65 13.38 -29.61 -15.68
CA ALA A 65 13.39 -28.15 -15.75
C ALA A 65 14.20 -27.51 -14.63
N LYS A 66 14.58 -26.24 -14.88
CA LYS A 66 15.14 -25.42 -13.81
C LYS A 66 15.16 -23.97 -14.26
N VAL A 67 15.31 -23.08 -13.30
CA VAL A 67 15.43 -21.64 -13.60
C VAL A 67 16.64 -21.13 -12.84
N GLU A 68 17.50 -20.35 -13.52
CA GLU A 68 18.61 -19.69 -12.88
C GLU A 68 18.50 -18.21 -13.21
N LEU A 69 18.29 -17.40 -12.20
CA LEU A 69 18.22 -15.95 -12.41
C LEU A 69 19.60 -15.39 -12.05
N ARG A 70 20.43 -15.19 -13.09
CA ARG A 70 21.82 -14.84 -12.80
C ARG A 70 22.11 -13.34 -12.98
N GLY A 71 21.42 -12.69 -13.91
CA GLY A 71 21.43 -11.24 -14.03
C GLY A 71 20.76 -10.59 -12.83
N GLU A 72 20.63 -9.26 -12.90
CA GLU A 72 20.04 -8.45 -11.84
C GLU A 72 18.80 -7.76 -12.40
N TYR A 73 17.88 -7.41 -11.50
CA TYR A 73 16.66 -6.70 -11.92
C TYR A 73 15.85 -7.52 -12.90
N LEU A 74 15.65 -8.79 -12.54
CA LEU A 74 14.88 -9.78 -13.29
C LEU A 74 13.62 -10.14 -12.48
N VAL A 75 12.55 -10.43 -13.18
CA VAL A 75 11.31 -10.86 -12.55
C VAL A 75 10.85 -12.12 -13.27
N LEU A 76 10.59 -13.21 -12.51
CA LEU A 76 9.96 -14.39 -13.08
C LEU A 76 8.52 -14.38 -12.55
N LYS A 77 7.54 -14.40 -13.47
CA LYS A 77 6.15 -14.10 -13.07
C LYS A 77 5.15 -15.11 -13.61
N ASP A 78 4.23 -15.62 -12.71
CA ASP A 78 3.02 -16.38 -13.07
C ASP A 78 3.33 -17.67 -13.82
N ILE A 79 4.39 -18.40 -13.41
CA ILE A 79 4.76 -19.72 -13.96
C ILE A 79 4.25 -20.82 -13.03
N TYR A 80 3.70 -21.89 -13.58
CA TYR A 80 3.19 -23.01 -12.82
C TYR A 80 4.16 -24.19 -12.99
N PHE A 81 4.77 -24.61 -11.90
CA PHE A 81 5.70 -25.74 -11.87
C PHE A 81 4.98 -27.00 -11.38
N LYS A 82 4.87 -27.98 -12.26
CA LYS A 82 4.29 -29.29 -11.88
C LYS A 82 4.77 -30.31 -12.92
N ASP A 83 4.50 -31.61 -12.65
CA ASP A 83 4.84 -32.66 -13.65
C ASP A 83 6.33 -32.61 -13.96
N GLY A 84 7.13 -32.47 -12.90
CA GLY A 84 8.58 -32.43 -13.06
C GLY A 84 9.18 -33.85 -13.17
N ASN A 85 10.44 -33.86 -13.62
CA ASN A 85 11.19 -35.10 -13.86
C ASN A 85 12.68 -34.79 -13.89
N ARG A 86 13.16 -34.03 -12.89
CA ARG A 86 14.59 -33.81 -12.80
C ARG A 86 15.30 -35.11 -12.49
N ASN A 87 16.55 -35.22 -12.92
CA ASN A 87 17.38 -36.39 -12.60
C ASN A 87 17.72 -36.36 -11.11
N VAL A 88 17.26 -37.36 -10.35
CA VAL A 88 17.42 -37.28 -8.91
C VAL A 88 18.90 -37.35 -8.48
N ASN A 89 19.80 -37.84 -9.33
CA ASN A 89 21.22 -37.85 -8.98
C ASN A 89 21.91 -36.49 -9.21
N GLN A 90 21.23 -35.50 -9.80
CA GLN A 90 21.84 -34.21 -10.11
C GLN A 90 21.49 -33.11 -9.10
N TRP A 91 20.73 -33.45 -8.07
CA TRP A 91 20.23 -32.47 -7.12
C TRP A 91 20.37 -33.03 -5.72
N LYS A 92 20.65 -32.17 -4.75
CA LYS A 92 20.77 -32.58 -3.36
C LYS A 92 20.30 -31.47 -2.43
N SER A 93 19.90 -31.86 -1.22
CA SER A 93 19.62 -30.85 -0.21
C SER A 93 20.87 -30.00 0.01
N HIS A 94 20.62 -28.71 0.29
CA HIS A 94 21.65 -27.66 0.45
C HIS A 94 22.20 -27.16 -0.86
N GLY A 95 21.79 -27.68 -2.01
CA GLY A 95 22.18 -27.18 -3.31
C GLY A 95 21.22 -26.10 -3.79
N PRO A 96 21.27 -25.74 -5.08
CA PRO A 96 20.35 -24.72 -5.62
C PRO A 96 18.92 -25.26 -5.65
N GLY A 97 17.94 -24.33 -5.60
CA GLY A 97 16.56 -24.74 -5.81
C GLY A 97 16.19 -24.92 -7.24
N LEU A 98 14.96 -25.44 -7.41
CA LEU A 98 14.36 -25.58 -8.71
C LEU A 98 14.44 -24.25 -9.44
N VAL A 99 14.04 -23.17 -8.74
CA VAL A 99 14.33 -21.80 -9.15
C VAL A 99 15.45 -21.30 -8.24
N ALA A 100 16.63 -20.96 -8.82
CA ALA A 100 17.76 -20.51 -8.03
C ALA A 100 18.08 -19.08 -8.41
N ILE A 101 18.09 -18.21 -7.43
CA ILE A 101 18.31 -16.76 -7.64
C ILE A 101 19.76 -16.53 -7.28
N TYR A 102 20.59 -16.33 -8.31
CA TYR A 102 22.01 -16.04 -8.12
C TYR A 102 22.33 -14.55 -8.09
N GLY A 103 21.55 -13.74 -8.80
CA GLY A 103 21.79 -12.31 -8.86
C GLY A 103 20.98 -11.51 -7.86
N SER A 104 21.45 -10.28 -7.55
CA SER A 104 20.69 -9.46 -6.62
C SER A 104 19.53 -8.76 -7.31
N TYR A 105 18.66 -8.16 -6.48
CA TYR A 105 17.51 -7.35 -6.94
C TYR A 105 16.58 -8.10 -7.86
N ASN A 106 16.39 -9.39 -7.56
CA ASN A 106 15.54 -10.24 -8.38
C ASN A 106 14.23 -10.56 -7.65
N ARG A 107 13.20 -10.92 -8.44
CA ARG A 107 11.87 -11.18 -7.89
C ARG A 107 11.26 -12.41 -8.54
N VAL A 108 10.67 -13.32 -7.74
CA VAL A 108 9.86 -14.42 -8.25
C VAL A 108 8.45 -14.18 -7.71
N THR A 109 7.48 -14.04 -8.60
CA THR A 109 6.15 -13.64 -8.13
C THR A 109 5.06 -14.38 -8.86
N GLY A 110 4.02 -14.77 -8.11
CA GLY A 110 2.88 -15.43 -8.74
C GLY A 110 3.12 -16.82 -9.25
N CYS A 111 4.16 -17.48 -8.79
CA CYS A 111 4.54 -18.80 -9.29
C CYS A 111 4.01 -19.87 -8.36
N VAL A 112 3.59 -21.00 -8.92
CA VAL A 112 2.93 -22.04 -8.17
C VAL A 112 3.78 -23.30 -8.31
N PHE A 113 3.97 -24.01 -7.20
CA PHE A 113 4.79 -25.22 -7.18
C PHE A 113 3.96 -26.32 -6.52
N ASN A 114 3.68 -27.39 -7.26
CA ASN A 114 2.85 -28.49 -6.71
C ASN A 114 3.52 -29.82 -6.95
N ALA A 115 4.01 -30.45 -5.87
CA ALA A 115 4.51 -31.86 -5.91
C ALA A 115 5.39 -32.06 -7.12
N PHE A 116 6.39 -31.18 -7.29
CA PHE A 116 7.01 -31.04 -8.60
C PHE A 116 7.65 -32.34 -9.09
N ASP A 117 8.57 -32.92 -8.30
CA ASP A 117 9.25 -34.14 -8.77
C ASP A 117 9.89 -34.84 -7.56
N GLU A 118 10.82 -35.76 -7.83
CA GLU A 118 11.44 -36.59 -6.80
C GLU A 118 12.87 -36.17 -6.51
N ALA A 119 13.33 -35.07 -7.11
CA ALA A 119 14.71 -34.60 -6.88
C ALA A 119 14.77 -33.72 -5.64
N ASN A 120 15.67 -34.08 -4.70
CA ASN A 120 15.74 -33.35 -3.43
C ASN A 120 16.46 -32.01 -3.62
N SER A 121 15.71 -30.97 -3.40
CA SER A 121 16.13 -29.57 -3.50
C SER A 121 15.00 -28.74 -2.92
N ALA A 122 15.31 -27.46 -2.65
CA ALA A 122 14.25 -26.50 -2.34
C ALA A 122 13.49 -26.16 -3.61
N TYR A 123 12.34 -25.51 -3.45
CA TYR A 123 11.64 -25.04 -4.64
C TYR A 123 12.20 -23.68 -5.09
N ILE A 124 12.61 -22.83 -4.16
CA ILE A 124 13.27 -21.55 -4.52
C ILE A 124 14.45 -21.38 -3.54
N THR A 125 15.64 -20.98 -4.08
CA THR A 125 16.73 -20.52 -3.23
C THR A 125 17.24 -19.17 -3.69
N THR A 126 17.87 -18.46 -2.75
CA THR A 126 18.89 -17.48 -3.13
C THR A 126 20.22 -18.19 -2.95
N SER A 127 20.98 -18.29 -4.04
CA SER A 127 22.17 -19.12 -4.10
C SER A 127 23.39 -18.25 -4.41
N LEU A 128 24.48 -18.62 -3.77
CA LEU A 128 25.77 -17.98 -4.09
C LEU A 128 26.28 -18.41 -5.47
N THR A 129 26.99 -17.50 -6.14
CA THR A 129 27.62 -17.84 -7.42
C THR A 129 28.83 -18.74 -7.16
N GLU A 130 29.41 -19.31 -8.24
CA GLU A 130 30.54 -20.21 -8.07
C GLU A 130 31.66 -19.52 -7.30
N GLU A 131 31.87 -18.25 -7.60
CA GLU A 131 32.92 -17.50 -6.93
C GLU A 131 32.55 -17.06 -5.54
N GLY A 132 31.29 -17.22 -5.10
CA GLY A 132 30.91 -16.88 -3.75
C GLY A 132 30.05 -15.59 -3.54
N LYS A 133 29.58 -14.96 -4.61
CA LYS A 133 28.86 -13.68 -4.46
C LYS A 133 27.47 -13.99 -3.90
N VAL A 134 27.07 -13.27 -2.85
CA VAL A 134 25.78 -13.43 -2.18
C VAL A 134 24.68 -12.57 -2.81
N PRO A 135 23.56 -13.16 -3.23
CA PRO A 135 22.45 -12.33 -3.73
C PRO A 135 21.81 -11.55 -2.60
N LYS A 136 21.39 -10.31 -2.89
CA LYS A 136 20.78 -9.46 -1.87
C LYS A 136 19.56 -8.80 -2.50
N HIS A 137 18.66 -8.32 -1.63
CA HIS A 137 17.52 -7.47 -2.01
C HIS A 137 16.61 -8.14 -3.01
N CYS A 138 16.37 -9.46 -2.82
CA CYS A 138 15.45 -10.18 -3.67
C CYS A 138 14.08 -10.30 -2.98
N ARG A 139 13.08 -10.66 -3.78
CA ARG A 139 11.72 -10.75 -3.25
C ARG A 139 11.10 -12.02 -3.82
N ILE A 140 10.41 -12.80 -2.96
CA ILE A 140 9.60 -13.96 -3.37
C ILE A 140 8.20 -13.64 -2.84
N ASP A 141 7.25 -13.45 -3.75
CA ASP A 141 5.91 -12.99 -3.32
C ASP A 141 4.79 -13.64 -4.14
N HIS A 142 3.63 -13.77 -3.48
CA HIS A 142 2.44 -14.31 -4.12
C HIS A 142 2.72 -15.64 -4.78
N CYS A 143 3.61 -16.43 -4.13
CA CYS A 143 3.88 -17.78 -4.64
C CYS A 143 3.15 -18.81 -3.78
N VAL A 144 2.99 -20.00 -4.33
CA VAL A 144 2.17 -21.06 -3.70
C VAL A 144 2.98 -22.31 -3.71
N PHE A 145 3.18 -22.91 -2.54
CA PHE A 145 4.09 -24.07 -2.39
C PHE A 145 3.32 -25.20 -1.72
N THR A 146 2.93 -26.22 -2.49
CA THR A 146 2.07 -27.27 -1.93
C THR A 146 2.61 -28.64 -2.28
N ASP A 147 2.23 -29.61 -1.42
CA ASP A 147 2.49 -31.03 -1.66
C ASP A 147 3.96 -31.37 -1.94
N LYS A 148 4.88 -30.66 -1.28
CA LYS A 148 6.31 -30.95 -1.49
C LYS A 148 6.63 -32.35 -0.95
N ILE A 149 7.09 -33.25 -1.82
CA ILE A 149 7.39 -34.64 -1.48
C ILE A 149 8.89 -34.90 -1.46
N THR A 150 9.70 -33.85 -1.41
CA THR A 150 11.14 -33.96 -1.44
C THR A 150 11.76 -33.31 -0.21
N PHE A 151 12.95 -33.78 0.09
CA PHE A 151 13.73 -33.25 1.21
C PHE A 151 14.21 -31.84 0.88
N ASP A 152 14.68 -31.15 1.92
CA ASP A 152 15.10 -29.73 1.99
C ASP A 152 13.90 -28.83 2.16
N GLN A 153 14.16 -27.60 2.60
CA GLN A 153 13.09 -26.64 2.83
C GLN A 153 12.38 -26.29 1.52
N VAL A 154 11.21 -25.68 1.64
CA VAL A 154 10.57 -25.08 0.45
C VAL A 154 11.41 -23.92 -0.11
N ILE A 155 11.91 -23.04 0.79
CA ILE A 155 12.71 -21.86 0.41
C ILE A 155 13.94 -21.84 1.31
N ASN A 156 15.14 -21.70 0.70
CA ASN A 156 16.34 -21.40 1.46
C ASN A 156 16.90 -20.04 1.04
N LEU A 157 17.24 -19.20 2.03
CA LEU A 157 17.89 -17.89 1.80
C LEU A 157 19.32 -18.04 2.34
N ASN A 158 20.29 -18.03 1.41
CA ASN A 158 21.68 -18.33 1.74
C ASN A 158 22.62 -17.14 1.66
N ASN A 159 23.52 -17.09 2.63
CA ASN A 159 24.64 -16.16 2.50
C ASN A 159 26.01 -16.87 2.64
N ARG A 160 26.02 -18.21 2.73
CA ARG A 160 27.20 -19.08 2.71
C ARG A 160 26.84 -20.37 2.00
N PRO A 161 27.82 -21.04 1.37
CA PRO A 161 27.55 -22.36 0.79
C PRO A 161 27.21 -23.39 1.83
N ARG A 162 27.76 -23.24 3.03
CA ARG A 162 27.54 -24.18 4.13
C ARG A 162 27.80 -23.46 5.44
N ALA A 163 27.29 -24.04 6.52
CA ALA A 163 27.46 -23.46 7.85
C ALA A 163 28.95 -23.42 8.20
N ASP A 164 29.47 -22.22 8.49
CA ASP A 164 30.88 -21.98 8.89
C ASP A 164 30.88 -21.49 10.34
N LYS A 165 30.53 -22.42 11.24
CA LYS A 165 30.18 -22.14 12.64
C LYS A 165 31.30 -21.51 13.47
N GLU A 166 32.56 -21.59 13.06
CA GLU A 166 33.63 -21.06 13.88
C GLU A 166 34.15 -19.73 13.39
N SER A 167 33.64 -19.22 12.26
CA SER A 167 34.15 -18.02 11.62
C SER A 167 33.81 -16.76 12.43
N LYS A 168 34.73 -15.79 12.37
CA LYS A 168 34.49 -14.45 12.88
C LYS A 168 34.10 -13.46 11.79
N VAL A 169 34.20 -13.84 10.52
CA VAL A 169 33.64 -13.02 9.47
C VAL A 169 32.15 -13.30 9.47
N LEU A 170 31.33 -12.27 9.55
CA LEU A 170 29.88 -12.48 9.59
C LEU A 170 29.34 -12.84 8.21
N GLY A 171 28.32 -13.71 8.17
CA GLY A 171 27.63 -13.94 6.91
C GLY A 171 26.91 -12.68 6.51
N GLU A 172 27.01 -12.31 5.23
CA GLU A 172 26.56 -10.99 4.78
C GLU A 172 25.03 -10.82 4.86
N ALA A 173 24.60 -9.65 5.31
CA ALA A 173 23.17 -9.35 5.34
C ALA A 173 22.56 -9.46 3.97
N MET A 174 21.35 -10.07 3.93
CA MET A 174 20.74 -10.38 2.66
C MET A 174 19.64 -9.43 2.23
N TYR A 175 18.82 -8.96 3.17
CA TYR A 175 17.78 -7.96 2.85
C TYR A 175 16.71 -8.46 1.88
N HIS A 176 16.34 -9.75 1.98
CA HIS A 176 15.28 -10.26 1.13
C HIS A 176 13.93 -10.10 1.79
N ARG A 177 12.89 -10.26 0.97
CA ARG A 177 11.50 -10.23 1.45
C ARG A 177 10.79 -11.45 0.92
N ILE A 178 10.09 -12.16 1.79
CA ILE A 178 9.22 -13.27 1.36
C ILE A 178 7.84 -12.86 1.83
N ASP A 179 6.91 -12.60 0.93
CA ASP A 179 5.62 -12.10 1.40
C ASP A 179 4.47 -12.65 0.60
N HIS A 180 3.27 -12.70 1.23
CA HIS A 180 2.04 -13.13 0.56
C HIS A 180 2.22 -14.49 -0.12
N CYS A 181 2.95 -15.39 0.53
CA CYS A 181 3.11 -16.73 -0.01
C CYS A 181 2.26 -17.72 0.78
N PHE A 182 1.95 -18.87 0.15
CA PHE A 182 1.10 -19.88 0.78
C PHE A 182 1.86 -21.18 0.88
N PHE A 183 1.84 -21.81 2.05
CA PHE A 183 2.57 -23.06 2.26
C PHE A 183 1.65 -24.13 2.85
N SER A 184 1.66 -25.33 2.26
CA SER A 184 0.90 -26.44 2.83
C SER A 184 1.54 -27.73 2.31
N ASN A 185 2.22 -28.50 3.19
CA ASN A 185 3.14 -29.57 2.72
C ASN A 185 3.13 -30.70 3.72
N PRO A 186 3.24 -31.95 3.25
CA PRO A 186 3.02 -33.15 4.09
C PRO A 186 4.21 -33.50 4.95
N PRO A 187 3.99 -34.25 6.02
CA PRO A 187 5.10 -34.69 6.87
C PRO A 187 6.11 -35.56 6.13
N LYS A 188 7.37 -35.30 6.44
CA LYS A 188 8.51 -36.06 5.97
C LYS A 188 9.24 -36.57 7.22
N PRO A 189 10.01 -37.65 7.11
CA PRO A 189 10.65 -38.18 8.30
C PRO A 189 11.91 -37.43 8.70
N GLY A 190 12.11 -37.30 10.01
CA GLY A 190 13.41 -36.81 10.50
C GLY A 190 13.58 -35.32 10.31
N ASN A 191 14.84 -34.89 10.14
CA ASN A 191 15.13 -33.47 9.91
C ASN A 191 15.12 -33.27 8.40
N ALA A 192 13.89 -33.15 7.88
CA ALA A 192 13.65 -33.32 6.47
C ALA A 192 13.59 -32.03 5.68
N GLY A 193 13.69 -30.90 6.35
CA GLY A 193 13.55 -29.61 5.70
C GLY A 193 12.12 -29.13 5.85
N GLY A 194 11.94 -27.93 6.34
CA GLY A 194 10.61 -27.37 6.63
C GLY A 194 10.16 -26.35 5.59
N GLY A 195 9.57 -25.25 6.05
CA GLY A 195 9.10 -24.21 5.13
C GLY A 195 10.21 -23.28 4.63
N ILE A 196 10.81 -22.52 5.51
CA ILE A 196 11.82 -21.52 5.15
C ILE A 196 13.02 -21.70 6.06
N ARG A 197 14.22 -21.65 5.47
CA ARG A 197 15.48 -21.49 6.23
C ARG A 197 16.14 -20.18 5.81
N VAL A 198 16.58 -19.38 6.79
CA VAL A 198 17.30 -18.12 6.53
C VAL A 198 18.68 -18.24 7.19
N GLY A 199 19.75 -18.37 6.36
CA GLY A 199 21.11 -18.45 6.89
C GLY A 199 21.41 -19.84 7.44
N TYR A 200 22.58 -19.96 8.11
CA TYR A 200 22.96 -21.26 8.70
C TYR A 200 23.33 -21.23 10.17
N TYR A 201 23.86 -20.12 10.73
CA TYR A 201 24.33 -20.14 12.12
C TYR A 201 24.37 -18.73 12.70
N ARG A 202 24.66 -18.68 14.01
CA ARG A 202 24.66 -17.45 14.82
C ARG A 202 25.54 -16.33 14.25
N ASN A 203 26.61 -16.65 13.54
CA ASN A 203 27.46 -15.65 12.94
C ASN A 203 26.99 -15.23 11.55
N ASP A 204 25.68 -15.41 11.23
CA ASP A 204 25.17 -14.96 9.94
C ASP A 204 24.20 -13.81 10.18
N ILE A 205 24.25 -12.80 9.32
CA ILE A 205 23.32 -11.67 9.40
C ILE A 205 22.24 -11.91 8.35
N GLY A 206 20.97 -11.88 8.75
CA GLY A 206 19.96 -12.04 7.71
C GLY A 206 19.32 -10.76 7.25
N ARG A 207 18.70 -10.05 8.18
CA ARG A 207 17.98 -8.77 7.89
C ARG A 207 16.97 -8.99 6.78
N CYS A 208 16.32 -10.15 6.87
CA CYS A 208 15.25 -10.47 5.94
C CYS A 208 13.89 -10.21 6.59
N LEU A 209 12.92 -9.84 5.72
CA LEU A 209 11.53 -9.60 6.12
C LEU A 209 10.63 -10.71 5.59
N ILE A 210 10.01 -11.46 6.49
CA ILE A 210 9.10 -12.55 6.16
C ILE A 210 7.74 -12.13 6.69
N ASP A 211 6.90 -11.64 5.79
CA ASP A 211 5.67 -10.97 6.20
C ASP A 211 4.47 -11.45 5.40
N SER A 212 3.31 -11.38 6.03
CA SER A 212 2.03 -11.56 5.32
C SER A 212 1.97 -12.91 4.63
N ASN A 213 2.56 -13.96 5.19
CA ASN A 213 2.47 -15.27 4.58
C ASN A 213 1.44 -16.12 5.32
N LEU A 214 0.89 -17.12 4.60
CA LEU A 214 -0.13 -18.00 5.14
C LEU A 214 0.36 -19.42 5.08
N PHE A 215 0.54 -20.04 6.25
CA PHE A 215 0.98 -21.43 6.39
C PHE A 215 -0.24 -22.19 6.90
N VAL A 216 -0.72 -23.15 6.09
CA VAL A 216 -1.89 -23.97 6.45
C VAL A 216 -1.46 -25.41 6.33
N ARG A 217 -1.37 -26.11 7.45
CA ARG A 217 -0.83 -27.48 7.45
C ARG A 217 0.53 -27.53 6.77
N GLN A 218 1.39 -26.56 7.15
CA GLN A 218 2.80 -26.67 6.83
C GLN A 218 3.40 -27.64 7.87
N ASP A 219 3.42 -28.91 7.47
CA ASP A 219 3.71 -30.05 8.35
C ASP A 219 4.97 -30.83 8.00
N SER A 220 5.82 -30.29 7.12
CA SER A 220 6.98 -31.01 6.56
C SER A 220 7.85 -31.63 7.66
N GLU A 221 8.14 -30.85 8.69
CA GLU A 221 8.95 -31.29 9.80
C GLU A 221 8.69 -30.46 11.06
N ALA A 222 9.58 -30.52 12.04
CA ALA A 222 9.28 -29.83 13.28
C ALA A 222 9.33 -28.31 13.12
N GLU A 223 10.09 -27.82 12.15
CA GLU A 223 10.31 -26.36 11.99
C GLU A 223 9.53 -25.81 10.78
N ILE A 224 8.55 -24.96 11.05
CA ILE A 224 7.85 -24.24 9.98
C ILE A 224 8.82 -23.27 9.34
N VAL A 225 9.50 -22.48 10.18
CA VAL A 225 10.61 -21.59 9.74
C VAL A 225 11.80 -21.96 10.61
N THR A 226 12.97 -22.23 10.01
CA THR A 226 14.19 -22.33 10.81
C THR A 226 15.04 -21.06 10.55
N SER A 227 14.86 -20.06 11.41
CA SER A 227 15.50 -18.75 11.25
C SER A 227 16.92 -18.87 11.86
N LYS A 228 17.94 -18.93 11.01
CA LYS A 228 19.31 -19.22 11.42
C LYS A 228 20.25 -18.08 11.06
N SER A 229 19.79 -16.86 11.38
CA SER A 229 20.63 -15.69 11.17
C SER A 229 20.05 -14.56 12.01
N GLN A 230 20.88 -13.51 12.24
CA GLN A 230 20.46 -12.40 13.08
C GLN A 230 19.51 -11.44 12.37
N GLU A 231 18.72 -10.74 13.19
CA GLU A 231 18.00 -9.49 12.79
C GLU A 231 17.01 -9.73 11.65
N ASN A 232 16.35 -10.89 11.67
CA ASN A 232 15.25 -11.11 10.74
C ASN A 232 13.94 -10.72 11.42
N VAL A 233 12.95 -10.30 10.62
CA VAL A 233 11.66 -9.89 11.18
C VAL A 233 10.55 -10.73 10.55
N TYR A 234 9.76 -11.35 11.40
CA TYR A 234 8.57 -12.14 11.02
C TYR A 234 7.37 -11.31 11.43
N TYR A 235 6.71 -10.69 10.44
CA TYR A 235 5.62 -9.75 10.67
C TYR A 235 4.31 -10.14 9.99
N GLY A 236 3.25 -10.23 10.77
CA GLY A 236 1.93 -10.36 10.16
C GLY A 236 1.68 -11.64 9.37
N ASN A 237 2.27 -12.78 9.80
CA ASN A 237 2.06 -14.07 9.14
C ASN A 237 0.97 -14.79 9.89
N THR A 238 0.25 -15.66 9.16
CA THR A 238 -0.78 -16.52 9.76
C THR A 238 -0.35 -17.97 9.62
N ILE A 239 -0.28 -18.66 10.75
CA ILE A 239 0.12 -20.08 10.91
C ILE A 239 -1.11 -20.78 11.42
N LEU A 240 -1.67 -21.66 10.59
CA LEU A 240 -2.97 -22.29 10.87
C LEU A 240 -2.82 -23.79 10.80
N ASN A 241 -3.10 -24.47 11.91
CA ASN A 241 -3.09 -25.93 11.97
C ASN A 241 -1.76 -26.51 11.47
N CYS A 242 -0.65 -25.93 11.90
CA CYS A 242 0.66 -26.36 11.43
C CYS A 242 1.31 -27.23 12.49
N GLN A 243 1.82 -28.40 12.07
CA GLN A 243 2.48 -29.36 12.97
C GLN A 243 3.96 -29.02 13.05
N GLY A 244 4.25 -27.91 13.73
CA GLY A 244 5.63 -27.42 13.83
C GLY A 244 5.60 -26.06 14.49
N THR A 245 6.80 -25.45 14.63
CA THR A 245 6.92 -24.14 15.25
C THR A 245 7.71 -23.19 14.35
N LEU A 246 7.39 -21.90 14.44
CA LEU A 246 8.26 -20.87 13.84
C LEU A 246 9.41 -20.63 14.80
N ASN A 247 10.64 -20.87 14.37
CA ASN A 247 11.77 -20.87 15.27
C ASN A 247 12.77 -19.77 15.04
N PHE A 248 13.23 -19.21 16.16
CA PHE A 248 14.47 -18.41 16.16
C PHE A 248 15.55 -19.43 16.53
N ARG A 249 16.05 -20.15 15.52
CA ARG A 249 16.93 -21.33 15.77
C ARG A 249 18.39 -20.94 16.03
N HIS A 250 18.99 -20.09 15.18
CA HIS A 250 20.33 -19.56 15.37
C HIS A 250 20.31 -18.06 15.12
N GLY A 251 21.14 -17.34 15.88
CA GLY A 251 21.22 -15.91 15.67
C GLY A 251 20.40 -15.11 16.64
N ASP A 252 21.05 -14.12 17.27
CA ASP A 252 20.37 -13.25 18.20
C ASP A 252 19.59 -12.15 17.46
N LYS A 253 18.83 -11.41 18.23
CA LYS A 253 18.24 -10.11 17.81
C LYS A 253 17.20 -10.30 16.70
N GLN A 254 16.29 -11.27 16.85
CA GLN A 254 15.23 -11.45 15.87
C GLN A 254 13.89 -10.97 16.44
N VAL A 255 12.92 -10.75 15.53
CA VAL A 255 11.66 -10.11 15.88
C VAL A 255 10.49 -10.92 15.32
N ALA A 256 9.51 -11.22 16.16
CA ALA A 256 8.22 -11.77 15.72
C ALA A 256 7.13 -10.81 16.17
N LEU A 257 6.54 -10.15 15.18
CA LEU A 257 5.59 -9.07 15.45
C LEU A 257 4.26 -9.31 14.73
N ASN A 258 3.14 -9.28 15.48
CA ASN A 258 1.76 -9.28 14.88
C ASN A 258 1.45 -10.52 14.04
N ASN A 259 1.87 -11.67 14.52
CA ASN A 259 1.56 -12.92 13.83
C ASN A 259 0.36 -13.61 14.49
N PHE A 260 -0.19 -14.59 13.77
CA PHE A 260 -1.31 -15.37 14.28
C PHE A 260 -0.92 -16.82 14.25
N PHE A 261 -0.94 -17.49 15.41
CA PHE A 261 -0.64 -18.93 15.50
C PHE A 261 -1.96 -19.56 15.96
N ILE A 262 -2.69 -20.14 15.04
CA ILE A 262 -4.09 -20.45 15.26
C ILE A 262 -4.40 -21.89 14.83
N SER A 263 -5.62 -22.34 15.18
CA SER A 263 -6.03 -23.72 14.91
C SER A 263 -7.54 -23.79 14.83
N THR A 264 -8.06 -24.77 14.05
CA THR A 264 -9.51 -24.87 13.93
C THR A 264 -10.01 -26.25 14.30
N ASP A 265 -9.12 -27.13 14.75
CA ASP A 265 -9.44 -28.43 15.29
C ASP A 265 -8.36 -28.84 16.30
N ASN A 266 -8.57 -29.96 17.00
CA ASN A 266 -7.60 -30.45 17.96
C ASN A 266 -7.03 -31.80 17.55
N LYS A 267 -6.93 -32.03 16.23
CA LYS A 267 -6.56 -33.34 15.70
C LYS A 267 -5.09 -33.68 15.92
N TYR A 268 -4.19 -32.69 15.80
CA TYR A 268 -2.75 -32.89 15.84
C TYR A 268 -2.12 -31.80 16.69
N GLY A 269 -0.91 -32.03 17.15
CA GLY A 269 -0.22 -31.00 17.91
C GLY A 269 0.19 -29.88 16.96
N TYR A 270 -0.14 -28.65 17.33
CA TYR A 270 0.13 -27.48 16.47
C TYR A 270 1.05 -26.51 17.21
N GLY A 271 1.70 -25.61 16.45
CA GLY A 271 2.51 -24.57 17.04
C GLY A 271 2.24 -23.22 16.39
N GLY A 272 2.80 -22.15 16.97
CA GLY A 272 3.78 -22.14 18.07
C GLY A 272 5.13 -21.58 17.66
N MET A 273 5.94 -21.18 18.65
CA MET A 273 7.27 -20.64 18.39
C MET A 273 8.25 -21.34 19.33
N PHE A 274 9.47 -21.63 18.89
CA PHE A 274 10.56 -22.18 19.73
C PHE A 274 11.71 -21.15 19.58
N VAL A 275 12.26 -20.66 20.68
CA VAL A 275 13.21 -19.54 20.66
C VAL A 275 14.53 -19.95 21.29
N TRP A 276 15.58 -19.87 20.53
CA TRP A 276 16.96 -19.93 21.03
C TRP A 276 17.59 -18.53 20.97
N GLY A 277 18.60 -18.26 21.81
CA GLY A 277 19.32 -16.99 21.67
C GLY A 277 18.71 -15.81 22.44
N SER A 278 19.36 -14.64 22.28
CA SER A 278 19.02 -13.48 23.09
C SER A 278 18.69 -12.26 22.23
N GLN A 279 18.25 -11.20 22.91
CA GLN A 279 17.95 -9.87 22.37
C GLN A 279 16.77 -9.89 21.39
N HIS A 280 15.87 -10.85 21.58
CA HIS A 280 14.67 -11.01 20.75
C HIS A 280 13.52 -10.13 21.21
N ILE A 281 12.59 -9.86 20.27
CA ILE A 281 11.34 -9.21 20.59
C ILE A 281 10.23 -10.11 20.07
N ILE A 282 9.33 -10.51 20.94
CA ILE A 282 8.14 -11.35 20.60
C ILE A 282 6.96 -10.53 21.03
N ALA A 283 6.34 -9.87 20.06
CA ALA A 283 5.34 -8.86 20.42
C ALA A 283 4.06 -8.97 19.58
N ASN A 284 2.92 -8.70 20.20
CA ASN A 284 1.65 -8.55 19.48
C ASN A 284 1.22 -9.80 18.73
N ASN A 285 1.61 -10.99 19.19
CA ASN A 285 1.22 -12.22 18.53
C ASN A 285 0.02 -12.82 19.22
N TYR A 286 -0.89 -13.40 18.44
CA TYR A 286 -2.06 -14.07 18.97
C TYR A 286 -1.87 -15.57 18.86
N PHE A 287 -2.09 -16.31 19.95
CA PHE A 287 -1.94 -17.75 19.96
C PHE A 287 -3.26 -18.38 20.38
N ASN A 288 -3.79 -19.33 19.59
CA ASN A 288 -4.94 -20.16 20.01
C ASN A 288 -4.69 -21.56 19.42
N LEU A 289 -3.96 -22.40 20.16
CA LEU A 289 -3.56 -23.74 19.72
C LEU A 289 -4.37 -24.78 20.49
N LYS A 290 -5.35 -25.38 19.81
CA LYS A 290 -6.31 -26.31 20.45
C LYS A 290 -5.69 -27.66 20.80
N LYS A 291 -4.50 -27.96 20.29
CA LYS A 291 -3.63 -29.04 20.71
C LYS A 291 -2.21 -28.56 20.50
N THR A 292 -1.32 -28.88 21.43
CA THR A 292 0.09 -28.51 21.33
C THR A 292 0.96 -29.77 21.17
N ILE A 293 2.24 -29.54 20.92
CA ILE A 293 3.16 -30.59 20.49
C ILE A 293 3.80 -31.26 21.71
N LYS A 294 3.39 -32.52 21.97
CA LYS A 294 3.87 -33.25 23.14
C LYS A 294 5.39 -33.38 23.18
N ALA A 295 6.00 -33.75 22.04
CA ALA A 295 7.42 -33.97 21.94
C ALA A 295 8.25 -32.71 22.22
N ARG A 296 7.67 -31.52 22.09
CA ARG A 296 8.46 -30.34 22.33
C ARG A 296 8.23 -29.78 23.72
N GLY A 297 7.14 -30.16 24.37
CA GLY A 297 6.81 -29.64 25.69
C GLY A 297 5.41 -29.05 25.85
N ASN A 298 4.49 -29.30 24.91
CA ASN A 298 3.09 -28.87 24.97
C ASN A 298 2.92 -27.37 25.33
N ALA A 299 3.38 -26.47 24.44
CA ALA A 299 3.29 -25.04 24.73
C ALA A 299 3.01 -24.21 23.47
N ALA A 300 2.59 -22.98 23.69
CA ALA A 300 2.47 -22.01 22.58
C ALA A 300 3.82 -21.36 22.27
N LEU A 301 4.60 -20.99 23.31
CA LEU A 301 5.89 -20.34 23.17
C LEU A 301 6.90 -21.12 24.02
N TYR A 302 7.97 -21.57 23.41
CA TYR A 302 9.04 -22.32 24.08
C TYR A 302 10.30 -21.46 24.13
N LEU A 303 10.92 -21.36 25.32
CA LEU A 303 12.17 -20.62 25.48
C LEU A 303 13.27 -21.61 25.85
N ASN A 304 14.29 -21.65 25.03
CA ASN A 304 15.28 -22.75 25.09
C ASN A 304 16.20 -22.64 26.31
N PRO A 305 16.38 -23.70 27.11
CA PRO A 305 17.46 -23.74 28.10
C PRO A 305 18.72 -24.37 27.50
N GLY A 306 19.89 -23.96 28.05
CA GLY A 306 21.17 -24.49 27.60
C GLY A 306 22.28 -23.47 27.81
N PRO A 307 23.46 -23.69 27.23
CA PRO A 307 24.56 -22.75 27.38
C PRO A 307 24.38 -21.54 26.46
N GLU A 308 24.95 -20.42 26.87
CA GLU A 308 24.80 -19.19 26.11
C GLU A 308 25.63 -19.24 24.85
N GLY A 309 25.02 -18.78 23.76
CA GLY A 309 25.77 -18.60 22.53
C GLY A 309 26.23 -19.89 21.89
N SER A 310 25.63 -21.00 22.25
CA SER A 310 26.04 -22.33 21.77
C SER A 310 25.18 -22.84 20.61
N GLU A 311 25.42 -24.12 20.19
CA GLU A 311 24.57 -24.69 19.14
C GLU A 311 23.12 -24.81 19.60
N HIS A 312 22.86 -24.86 20.90
CA HIS A 312 21.53 -24.81 21.48
C HIS A 312 21.50 -23.61 22.42
N ALA A 313 21.59 -22.42 21.82
CA ALA A 313 21.84 -21.18 22.57
C ALA A 313 20.73 -20.89 23.56
N LEU A 314 21.10 -20.53 24.79
CA LEU A 314 20.13 -20.10 25.79
C LEU A 314 19.24 -18.96 25.28
N ALA A 315 17.96 -19.03 25.59
CA ALA A 315 17.05 -17.91 25.39
C ALA A 315 17.12 -17.03 26.63
N PHE A 316 17.60 -15.78 26.48
CA PHE A 316 17.69 -14.89 27.65
C PHE A 316 17.65 -13.46 27.12
N ASN A 317 17.56 -12.50 28.04
CA ASN A 317 17.67 -11.05 27.69
C ASN A 317 16.82 -10.67 26.46
N SER A 318 15.54 -11.00 26.53
CA SER A 318 14.58 -10.82 25.43
C SER A 318 13.33 -10.20 25.98
N LEU A 319 12.47 -9.69 25.09
CA LEU A 319 11.26 -8.95 25.41
C LEU A 319 10.05 -9.68 24.84
N ILE A 320 9.09 -10.01 25.70
CA ILE A 320 7.86 -10.72 25.34
C ILE A 320 6.70 -9.84 25.77
N VAL A 321 6.10 -9.10 24.84
CA VAL A 321 5.13 -8.08 25.22
C VAL A 321 3.90 -8.07 24.33
N ASN A 322 2.77 -7.73 24.94
CA ASN A 322 1.52 -7.46 24.23
C ASN A 322 0.95 -8.66 23.46
N ASN A 323 1.35 -9.90 23.77
CA ASN A 323 0.83 -11.07 23.07
C ASN A 323 -0.46 -11.50 23.74
N PHE A 324 -1.27 -12.28 23.04
CA PHE A 324 -2.55 -12.77 23.53
C PHE A 324 -2.51 -14.30 23.46
N PHE A 325 -2.41 -14.96 24.62
CA PHE A 325 -2.35 -16.44 24.71
C PHE A 325 -3.77 -16.86 25.02
N ASP A 326 -4.54 -17.21 23.97
CA ASP A 326 -6.00 -17.37 24.07
C ASP A 326 -6.42 -18.83 24.03
N ASP A 327 -6.73 -19.42 25.20
CA ASP A 327 -7.31 -20.78 25.31
C ASP A 327 -6.41 -21.85 24.71
N ASN A 328 -5.10 -21.72 24.92
CA ASN A 328 -4.19 -22.73 24.43
C ASN A 328 -4.39 -24.02 25.23
N ASN A 329 -4.23 -25.16 24.55
CA ASN A 329 -4.30 -26.49 25.20
C ASN A 329 -2.86 -26.93 25.45
N GLY A 330 -2.34 -26.51 26.59
CA GLY A 330 -0.94 -26.70 26.95
C GLY A 330 -0.50 -25.48 27.75
N TYR A 331 0.82 -25.36 27.95
CA TYR A 331 1.37 -24.20 28.61
C TYR A 331 1.35 -23.02 27.64
N ASP A 332 1.18 -21.80 28.17
CA ASP A 332 1.34 -20.62 27.32
C ASP A 332 2.81 -20.35 27.04
N ILE A 333 3.68 -20.37 28.08
CA ILE A 333 5.12 -20.23 27.90
C ILE A 333 5.82 -21.34 28.67
N ASN A 334 6.68 -22.10 27.99
CA ASN A 334 7.47 -23.18 28.59
C ASN A 334 8.90 -22.68 28.63
N PHE A 335 9.42 -22.45 29.84
CA PHE A 335 10.80 -21.99 30.07
C PHE A 335 11.79 -23.13 30.32
N GLU A 336 11.37 -24.39 30.17
CA GLU A 336 12.30 -25.50 30.35
C GLU A 336 12.06 -26.65 29.36
N PRO A 337 11.89 -26.39 28.08
CA PRO A 337 11.67 -27.50 27.16
C PRO A 337 12.93 -28.33 26.96
N LEU A 338 12.74 -29.66 26.77
CA LEU A 338 13.85 -30.56 26.47
C LEU A 338 14.97 -30.50 27.51
N LEU A 339 14.55 -30.30 28.76
CA LEU A 339 15.43 -29.99 29.89
C LEU A 339 16.58 -30.99 30.02
N GLU A 340 16.23 -32.27 30.14
CA GLU A 340 17.28 -33.26 30.31
C GLU A 340 18.15 -33.39 29.08
N ARG A 341 17.58 -33.22 27.87
CA ARG A 341 18.45 -33.31 26.71
C ARG A 341 19.40 -32.12 26.64
N ARG A 342 18.96 -30.94 27.09
CA ARG A 342 19.85 -29.77 27.02
C ARG A 342 20.94 -29.80 28.08
N LYS A 343 20.63 -30.36 29.26
CA LYS A 343 21.67 -30.58 30.27
C LYS A 343 22.74 -31.53 29.76
N GLU A 344 22.32 -32.60 29.08
CA GLU A 344 23.29 -33.53 28.53
C GLU A 344 24.10 -32.87 27.44
N PHE A 345 23.46 -32.04 26.58
CA PHE A 345 24.22 -31.31 25.57
C PHE A 345 25.25 -30.40 26.22
N ALA A 346 24.85 -29.68 27.26
CA ALA A 346 25.75 -28.75 27.93
C ALA A 346 27.00 -29.46 28.42
N LYS A 347 26.82 -30.64 29.02
CA LYS A 347 27.96 -31.42 29.49
C LYS A 347 28.82 -31.93 28.34
N GLU A 348 28.20 -32.31 27.20
CA GLU A 348 28.97 -32.77 26.05
C GLU A 348 29.87 -31.68 25.47
N VAL A 349 29.44 -30.41 25.49
CA VAL A 349 30.24 -29.33 24.92
C VAL A 349 31.06 -28.58 25.96
N ASN A 350 31.01 -29.00 27.23
CA ASN A 350 31.81 -28.36 28.29
C ASN A 350 31.46 -26.88 28.43
N ALA A 351 30.16 -26.60 28.51
CA ALA A 351 29.67 -25.24 28.61
C ALA A 351 28.62 -25.20 29.71
N GLU A 352 28.50 -24.04 30.37
CA GLU A 352 27.62 -23.99 31.52
C GLU A 352 26.17 -24.04 31.10
N PHE A 353 25.44 -25.02 31.64
CA PHE A 353 24.00 -25.08 31.45
C PHE A 353 23.33 -23.96 32.23
N LYS A 354 22.37 -23.26 31.60
CA LYS A 354 21.59 -22.22 32.28
C LYS A 354 20.11 -22.31 31.90
N LEU A 355 19.25 -21.80 32.76
CA LEU A 355 17.82 -21.60 32.50
C LEU A 355 17.53 -20.19 31.97
N PRO A 356 16.47 -19.99 31.18
CA PRO A 356 16.17 -18.64 30.67
C PRO A 356 16.13 -17.59 31.79
N TYR A 357 16.74 -16.43 31.54
CA TYR A 357 16.78 -15.37 32.55
C TYR A 357 16.72 -14.00 31.85
N ASN A 358 16.40 -12.95 32.64
CA ASN A 358 16.33 -11.57 32.14
C ASN A 358 15.37 -11.42 30.96
N ILE A 359 14.31 -12.20 30.91
CA ILE A 359 13.28 -12.02 29.90
C ILE A 359 12.17 -11.19 30.52
N THR A 360 11.83 -10.08 29.87
CA THR A 360 10.79 -9.18 30.35
C THR A 360 9.49 -9.60 29.71
N ILE A 361 8.50 -9.88 30.56
CA ILE A 361 7.22 -10.40 30.14
C ILE A 361 6.22 -9.39 30.66
N GLU A 362 5.69 -8.57 29.75
CA GLU A 362 4.83 -7.48 30.19
C GLU A 362 3.72 -7.23 29.19
N GLY A 363 2.54 -6.88 29.67
CA GLY A 363 1.45 -6.49 28.79
C GLY A 363 0.80 -7.64 28.03
N ASN A 364 1.03 -8.89 28.45
CA ASN A 364 0.45 -10.01 27.74
C ASN A 364 -0.90 -10.32 28.37
N LEU A 365 -1.78 -10.88 27.58
CA LEU A 365 -3.10 -11.28 28.02
C LEU A 365 -3.15 -12.79 27.93
N PHE A 366 -3.56 -13.43 29.02
CA PHE A 366 -3.62 -14.88 29.14
C PHE A 366 -5.08 -15.23 29.40
N ALA A 367 -5.72 -15.94 28.47
CA ALA A 367 -7.13 -16.28 28.65
C ALA A 367 -7.34 -17.79 28.53
N SER A 368 -8.36 -18.32 29.21
CA SER A 368 -8.62 -19.76 29.14
C SER A 368 -10.07 -20.06 29.48
N LYS A 369 -10.60 -21.12 28.85
CA LYS A 369 -11.90 -21.68 29.19
C LYS A 369 -11.76 -23.01 29.92
N GLN A 370 -10.54 -23.41 30.29
CA GLN A 370 -10.28 -24.76 30.84
C GLN A 370 -10.16 -24.77 32.36
N GLY A 371 -10.30 -23.62 33.03
CA GLY A 371 -10.23 -23.61 34.47
C GLY A 371 -8.83 -23.87 35.00
N ASP A 372 -8.78 -24.39 36.25
CA ASP A 372 -7.49 -24.57 36.92
C ASP A 372 -6.63 -25.65 36.26
N LYS A 373 -7.23 -26.46 35.38
CA LYS A 373 -6.45 -27.41 34.58
C LYS A 373 -5.43 -26.70 33.66
N HIS A 374 -5.73 -25.49 33.21
CA HIS A 374 -4.76 -24.74 32.42
C HIS A 374 -3.73 -24.07 33.34
N ILE A 375 -2.47 -24.36 33.07
CA ILE A 375 -1.31 -23.79 33.75
C ILE A 375 -0.57 -22.89 32.76
N PRO A 376 -0.44 -21.59 33.01
CA PRO A 376 0.15 -20.71 31.97
C PRO A 376 1.66 -20.88 31.79
N PHE A 377 2.43 -21.16 32.84
CA PHE A 377 3.88 -21.22 32.73
C PHE A 377 4.45 -22.51 33.29
N LEU A 378 5.50 -23.00 32.66
CA LEU A 378 6.28 -24.11 33.18
C LEU A 378 7.71 -23.64 33.29
N GLY A 379 8.32 -23.78 34.48
CA GLY A 379 9.72 -23.45 34.67
C GLY A 379 9.93 -22.27 35.61
N ASN A 380 11.15 -21.73 35.59
CA ASN A 380 11.58 -20.71 36.56
C ASN A 380 11.20 -19.31 36.11
N LEU A 381 10.27 -18.68 36.83
CA LEU A 381 9.91 -17.28 36.65
C LEU A 381 10.76 -16.32 37.45
N ASP A 382 11.40 -16.81 38.52
CA ASP A 382 12.17 -15.95 39.40
C ASP A 382 13.33 -15.29 38.67
N LYS A 383 13.94 -16.02 37.73
CA LYS A 383 15.07 -15.50 36.98
C LYS A 383 14.68 -14.44 35.94
N ASN A 384 13.39 -14.16 35.81
CA ASN A 384 12.91 -13.30 34.75
C ASN A 384 12.11 -12.12 35.31
N ASN A 385 11.84 -11.19 34.39
CA ASN A 385 11.24 -9.91 34.72
C ASN A 385 9.76 -9.95 34.39
N LEU A 386 8.98 -10.55 35.27
CA LEU A 386 7.54 -10.61 35.08
C LEU A 386 6.90 -9.32 35.59
N GLN A 387 6.48 -8.46 34.66
CA GLN A 387 5.86 -7.19 35.05
C GLN A 387 4.35 -7.38 35.01
N ASN A 388 3.61 -6.34 34.63
CA ASN A 388 2.16 -6.35 34.66
C ASN A 388 1.62 -7.17 33.49
N ASN A 389 0.92 -8.26 33.79
CA ASN A 389 0.23 -9.06 32.78
C ASN A 389 -1.21 -9.27 33.22
N TYR A 390 -2.06 -9.74 32.30
CA TYR A 390 -3.51 -9.70 32.46
C TYR A 390 -4.12 -11.06 32.15
N SER A 391 -5.30 -11.32 32.72
CA SER A 391 -5.89 -12.62 32.46
C SER A 391 -7.42 -12.52 32.45
N PHE A 392 -8.07 -13.45 31.74
CA PHE A 392 -9.52 -13.57 31.71
C PHE A 392 -9.87 -15.06 31.71
N GLY A 393 -10.60 -15.48 32.74
CA GLY A 393 -10.98 -16.88 32.85
C GLY A 393 -10.10 -17.53 33.89
N GLN A 394 -10.71 -18.33 34.77
CA GLN A 394 -9.96 -19.04 35.80
C GLN A 394 -8.86 -19.92 35.20
N MET A 395 -7.66 -19.87 35.79
CA MET A 395 -6.54 -20.75 35.45
C MET A 395 -5.61 -20.86 36.65
N ALA A 396 -4.73 -21.85 36.62
CA ALA A 396 -3.76 -22.04 37.70
C ALA A 396 -2.83 -20.84 37.79
N ASN A 397 -2.45 -20.49 39.02
CA ASN A 397 -1.41 -19.48 39.28
C ASN A 397 -1.78 -18.10 38.76
N ASP A 398 -3.05 -17.79 38.65
CA ASP A 398 -3.41 -16.52 38.03
C ASP A 398 -3.40 -15.34 39.02
N LYS A 399 -2.91 -15.54 40.24
CA LYS A 399 -2.69 -14.40 41.12
C LYS A 399 -1.56 -13.52 40.59
N LEU A 400 -0.69 -14.07 39.73
CA LEU A 400 0.35 -13.32 39.05
C LEU A 400 -0.21 -12.27 38.09
N PHE A 401 -1.53 -12.28 37.82
CA PHE A 401 -2.14 -11.49 36.77
C PHE A 401 -3.23 -10.57 37.31
N THR A 402 -3.46 -9.48 36.58
CA THR A 402 -4.60 -8.63 36.86
C THR A 402 -5.79 -9.07 36.01
N ASN A 403 -6.96 -9.19 36.64
CA ASN A 403 -8.18 -9.61 35.94
C ASN A 403 -8.70 -8.54 34.99
N VAL A 404 -9.09 -8.96 33.79
CA VAL A 404 -9.69 -8.08 32.79
C VAL A 404 -10.93 -8.79 32.24
N LYS A 405 -11.74 -8.06 31.49
CA LYS A 405 -13.02 -8.55 30.96
C LYS A 405 -13.26 -8.08 29.53
N PRO A 406 -13.80 -8.94 28.67
CA PRO A 406 -14.06 -8.53 27.28
C PRO A 406 -15.24 -7.57 27.13
N THR A 407 -15.20 -6.77 26.08
CA THR A 407 -16.29 -5.86 25.78
C THR A 407 -17.00 -6.21 24.48
N THR A 408 -16.50 -7.18 23.74
CA THR A 408 -17.15 -7.61 22.52
C THR A 408 -16.89 -9.10 22.34
N ASP A 409 -17.51 -9.68 21.32
CA ASP A 409 -17.23 -11.06 20.97
C ASP A 409 -16.27 -11.12 19.79
N GLY A 410 -15.33 -12.05 19.86
CA GLY A 410 -14.53 -12.38 18.70
C GLY A 410 -13.33 -11.49 18.48
N SER A 411 -12.90 -10.75 19.47
CA SER A 411 -11.81 -9.81 19.26
C SER A 411 -10.47 -10.49 19.47
N TYR A 412 -9.52 -10.26 18.56
CA TYR A 412 -8.16 -10.71 18.71
C TYR A 412 -7.31 -9.70 19.50
N ASN A 413 -7.89 -8.57 19.88
CA ASN A 413 -7.14 -7.42 20.38
C ASN A 413 -7.32 -7.28 21.88
N PRO A 414 -6.28 -7.52 22.69
CA PRO A 414 -6.44 -7.30 24.15
C PRO A 414 -6.87 -5.89 24.54
N GLN A 415 -6.63 -4.85 23.70
CA GLN A 415 -7.09 -3.50 24.09
C GLN A 415 -8.60 -3.41 24.18
N SER A 416 -9.34 -4.38 23.63
CA SER A 416 -10.79 -4.43 23.80
C SER A 416 -11.21 -4.98 25.17
N TYR A 417 -10.28 -5.38 26.03
CA TYR A 417 -10.61 -5.90 27.35
C TYR A 417 -10.51 -4.79 28.38
N LYS A 418 -11.54 -4.63 29.18
CA LYS A 418 -11.56 -3.58 30.18
C LYS A 418 -10.55 -3.91 31.28
N GLY A 419 -9.61 -2.99 31.50
CA GLY A 419 -8.54 -3.15 32.46
C GLY A 419 -7.19 -3.46 31.85
N TYR A 420 -7.16 -3.87 30.58
CA TYR A 420 -5.91 -4.20 29.91
C TYR A 420 -5.10 -2.93 29.61
N GLN A 421 -3.76 -3.06 29.68
CA GLN A 421 -2.80 -2.00 29.36
C GLN A 421 -1.64 -2.61 28.55
N LEU A 422 -1.25 -1.95 27.46
CA LEU A 422 -0.06 -2.33 26.72
C LEU A 422 1.21 -2.17 27.57
N ALA A 423 2.27 -2.90 27.20
CA ALA A 423 3.58 -2.76 27.85
C ALA A 423 4.18 -1.36 27.66
N ASN A 424 4.99 -0.94 28.63
CA ASN A 424 5.76 0.30 28.54
C ASN A 424 7.12 -0.10 27.98
N VAL A 425 7.38 0.26 26.74
CA VAL A 425 8.64 -0.08 26.11
C VAL A 425 9.35 1.21 25.72
N LYS A 426 10.67 1.16 25.67
CA LYS A 426 11.40 2.31 25.16
C LYS A 426 12.75 1.88 24.59
N ASP A 427 13.35 2.78 23.79
CA ASP A 427 14.67 2.61 23.19
C ASP A 427 14.78 1.32 22.36
N ILE A 428 13.69 0.95 21.70
CA ILE A 428 13.72 -0.17 20.75
C ILE A 428 14.25 0.38 19.45
N LYS A 429 15.36 -0.16 18.95
CA LYS A 429 15.85 0.38 17.69
C LYS A 429 15.35 -0.44 16.52
N ASN A 430 15.28 0.23 15.37
CA ASN A 430 14.96 -0.41 14.11
C ASN A 430 16.13 -1.24 13.59
N ILE A 431 15.82 -2.16 12.68
CA ILE A 431 16.85 -2.96 12.04
C ILE A 431 17.20 -2.35 10.72
N GLU A 432 18.52 -2.16 10.48
CA GLU A 432 18.99 -1.59 9.24
C GLU A 432 18.45 -2.33 8.02
N GLY A 433 17.86 -1.58 7.10
CA GLY A 433 17.41 -2.10 5.84
C GLY A 433 16.02 -2.68 5.89
N ILE A 434 15.39 -2.71 7.05
CA ILE A 434 13.98 -3.15 7.18
C ILE A 434 13.17 -1.93 7.54
N ASP A 435 12.30 -1.50 6.62
CA ASP A 435 11.60 -0.21 6.74
C ASP A 435 10.33 -0.31 7.61
N LEU A 436 10.52 -0.70 8.86
CA LEU A 436 9.45 -0.83 9.84
C LEU A 436 9.85 -0.12 11.12
N ASP A 437 8.97 0.67 11.69
CA ASP A 437 9.18 1.38 12.94
C ASP A 437 8.78 0.39 14.02
N ILE A 438 9.77 -0.34 14.54
CA ILE A 438 9.48 -1.45 15.41
C ILE A 438 8.83 -0.98 16.70
N GLN A 439 9.31 0.13 17.27
CA GLN A 439 8.68 0.55 18.52
C GLN A 439 7.23 1.01 18.30
N ASN A 440 6.96 1.74 17.22
CA ASN A 440 5.58 2.15 16.98
C ASN A 440 4.67 0.95 16.75
N LEU A 441 5.18 -0.06 16.04
CA LEU A 441 4.35 -1.25 15.77
C LEU A 441 4.05 -1.97 17.08
N ILE A 442 5.02 -2.11 17.97
CA ILE A 442 4.75 -2.69 19.29
C ILE A 442 3.65 -1.93 20.01
N ASN A 443 3.77 -0.61 20.04
CA ASN A 443 2.83 0.23 20.78
C ASN A 443 1.41 0.24 20.19
N LYS A 444 1.22 -0.09 18.91
CA LYS A 444 -0.13 -0.14 18.36
C LYS A 444 -0.86 -1.46 18.73
N GLY A 445 -0.12 -2.52 19.11
CA GLY A 445 -0.76 -3.74 19.61
C GLY A 445 -1.33 -4.62 18.50
N ILE A 446 -2.27 -5.48 18.89
CA ILE A 446 -2.87 -6.50 17.97
C ILE A 446 -4.06 -5.87 17.26
N GLU A 447 -3.77 -5.15 16.16
CA GLU A 447 -4.81 -4.49 15.39
C GLU A 447 -5.29 -5.27 14.16
N GLY A 448 -4.62 -6.38 13.82
CA GLY A 448 -4.93 -7.15 12.63
C GLY A 448 -5.86 -8.34 12.83
N ASN A 449 -6.04 -9.10 11.77
CA ASN A 449 -6.78 -10.33 11.88
C ASN A 449 -6.09 -11.36 11.00
N PRO A 450 -6.37 -12.62 11.17
CA PRO A 450 -5.71 -13.67 10.37
C PRO A 450 -5.92 -13.49 8.86
N LEU A 451 -4.89 -13.84 8.09
CA LEU A 451 -4.98 -13.88 6.64
C LEU A 451 -5.82 -15.10 6.19
N THR A 452 -6.46 -14.94 5.04
CA THR A 452 -7.16 -16.01 4.34
C THR A 452 -6.47 -16.22 2.99
N TRP A 453 -6.86 -17.29 2.32
CA TRP A 453 -6.30 -17.60 0.99
C TRP A 453 -6.46 -16.44 0.01
N ASN A 454 -7.62 -15.77 0.01
CA ASN A 454 -7.81 -14.67 -0.94
C ASN A 454 -6.93 -13.46 -0.65
N ASP A 455 -6.38 -13.37 0.57
CA ASP A 455 -5.44 -12.31 0.91
C ASP A 455 -4.05 -12.52 0.35
N VAL A 456 -3.67 -13.75 -0.05
CA VAL A 456 -2.30 -14.00 -0.48
C VAL A 456 -2.20 -14.54 -1.90
N ARG A 457 -3.27 -15.14 -2.44
CA ARG A 457 -3.14 -15.92 -3.67
C ARG A 457 -2.76 -15.06 -4.87
N PRO A 458 -2.12 -15.68 -5.87
CA PRO A 458 -1.93 -15.04 -7.19
C PRO A 458 -3.29 -14.70 -7.75
N SER A 459 -3.43 -13.50 -8.33
CA SER A 459 -4.77 -13.10 -8.73
C SER A 459 -5.39 -14.05 -9.73
N TRP A 460 -4.57 -14.79 -10.49
CA TRP A 460 -5.10 -15.70 -11.49
C TRP A 460 -5.51 -17.07 -10.97
N LEU A 461 -5.14 -17.43 -9.75
CA LEU A 461 -5.33 -18.78 -9.24
C LEU A 461 -6.47 -18.76 -8.23
N VAL A 462 -7.58 -19.45 -8.55
CA VAL A 462 -8.76 -19.35 -7.69
C VAL A 462 -8.66 -20.28 -6.49
N GLU A 463 -8.24 -21.52 -6.70
CA GLU A 463 -8.27 -22.51 -5.64
C GLU A 463 -6.88 -22.99 -5.26
N ILE A 464 -6.73 -23.36 -4.00
CA ILE A 464 -5.47 -23.92 -3.53
C ILE A 464 -5.15 -25.18 -4.30
N PRO A 465 -3.93 -25.35 -4.83
CA PRO A 465 -3.59 -26.60 -5.55
C PRO A 465 -3.47 -27.83 -4.65
N GLY A 466 -3.92 -28.93 -5.17
CA GLY A 466 -3.93 -30.18 -4.39
C GLY A 466 -4.99 -30.23 -3.31
N SER A 467 -4.85 -31.25 -2.43
CA SER A 467 -5.78 -31.40 -1.33
C SER A 467 -5.09 -31.67 0.01
N TYR A 468 -3.80 -31.35 0.18
CA TYR A 468 -3.18 -31.59 1.51
C TYR A 468 -3.80 -30.69 2.59
N ALA A 469 -3.96 -29.37 2.33
CA ALA A 469 -4.59 -28.52 3.33
C ALA A 469 -6.03 -28.95 3.58
N LYS A 470 -6.71 -29.32 2.51
CA LYS A 470 -8.12 -29.72 2.50
C LYS A 470 -8.37 -31.04 3.22
N GLU A 471 -7.65 -32.08 2.82
CA GLU A 471 -7.96 -33.41 3.34
C GLU A 471 -6.80 -34.21 3.90
N GLY A 472 -5.63 -33.60 4.06
CA GLY A 472 -4.44 -34.31 4.51
C GLY A 472 -3.98 -35.37 3.55
N THR A 473 -4.41 -35.30 2.30
CA THR A 473 -4.13 -36.35 1.32
C THR A 473 -3.30 -35.79 0.19
N LEU A 474 -2.60 -36.70 -0.51
CA LEU A 474 -1.94 -36.41 -1.75
C LEU A 474 -2.65 -37.17 -2.87
N ASP A 475 -2.56 -36.66 -4.09
CA ASP A 475 -3.18 -37.39 -5.20
C ASP A 475 -2.40 -38.69 -5.43
N GLN A 476 -3.01 -39.62 -6.19
CA GLN A 476 -2.43 -40.97 -6.28
C GLN A 476 -1.04 -40.98 -6.87
N GLU A 477 -0.83 -40.27 -7.99
CA GLU A 477 0.49 -40.26 -8.61
C GLU A 477 1.50 -39.68 -7.63
N THR A 478 1.15 -38.56 -6.97
CA THR A 478 2.05 -37.97 -5.97
C THR A 478 2.38 -38.92 -4.82
N LYS A 479 1.39 -39.69 -4.33
CA LYS A 479 1.68 -40.65 -3.27
C LYS A 479 2.71 -41.69 -3.70
N ILE A 480 2.64 -42.15 -4.97
CA ILE A 480 3.57 -43.15 -5.47
C ILE A 480 4.96 -42.54 -5.61
N ARG A 481 5.03 -41.31 -6.11
CA ARG A 481 6.33 -40.63 -6.26
C ARG A 481 6.95 -40.35 -4.88
N PHE A 482 6.13 -39.98 -3.90
CA PHE A 482 6.62 -39.72 -2.53
C PHE A 482 7.21 -40.99 -1.95
N GLN A 483 6.56 -42.13 -2.19
CA GLN A 483 7.12 -43.38 -1.65
C GLN A 483 8.47 -43.70 -2.28
N ARG A 484 8.67 -43.33 -3.57
CA ARG A 484 9.98 -43.54 -4.18
C ARG A 484 11.04 -42.68 -3.49
N VAL A 485 10.70 -41.41 -3.20
CA VAL A 485 11.64 -40.53 -2.53
C VAL A 485 12.02 -41.09 -1.17
N LEU A 486 11.01 -41.47 -0.39
CA LEU A 486 11.26 -41.99 0.97
C LEU A 486 12.08 -43.28 0.94
N ALA A 487 11.78 -44.19 -0.01
CA ALA A 487 12.58 -45.43 -0.06
C ALA A 487 14.02 -45.15 -0.47
N ARG A 488 14.22 -44.20 -1.40
CA ARG A 488 15.58 -43.87 -1.78
C ARG A 488 16.33 -43.28 -0.61
N ASP A 489 15.65 -42.46 0.22
CA ASP A 489 16.30 -41.86 1.39
C ASP A 489 16.68 -42.92 2.41
N ARG A 490 15.73 -43.84 2.71
CA ARG A 490 15.99 -44.84 3.75
C ARG A 490 17.14 -45.75 3.35
N ASN A 491 17.37 -45.92 2.05
CA ASN A 491 18.46 -46.77 1.57
C ASN A 491 19.73 -46.03 1.17
N ASN A 492 19.81 -44.71 1.36
CA ASN A 492 21.00 -43.92 1.01
C ASN A 492 22.12 -44.02 2.05
N GLY B 1 -15.20 33.35 25.05
CA GLY B 1 -13.87 33.17 24.44
C GLY B 1 -12.86 32.43 25.36
N LYS B 2 -13.31 31.31 25.94
CA LYS B 2 -12.52 30.57 26.93
C LYS B 2 -11.69 29.49 26.24
N HIS B 3 -10.37 29.46 26.53
CA HIS B 3 -9.53 28.32 26.16
C HIS B 3 -9.73 27.20 27.17
N ILE B 4 -10.02 26.00 26.69
CA ILE B 4 -10.33 24.88 27.57
C ILE B 4 -9.31 23.78 27.23
N LEU B 5 -8.41 23.45 28.16
CA LEU B 5 -7.36 22.47 27.88
C LEU B 5 -7.79 21.07 28.29
N VAL B 6 -7.59 20.08 27.39
CA VAL B 6 -7.90 18.70 27.70
C VAL B 6 -6.73 17.83 27.26
N ALA B 7 -6.61 16.65 27.86
CA ALA B 7 -5.45 15.80 27.66
C ALA B 7 -5.75 14.34 27.30
N SER B 8 -6.99 13.96 27.06
CA SER B 8 -7.33 12.58 26.77
C SER B 8 -8.64 12.55 26.00
N VAL B 9 -8.93 11.37 25.43
CA VAL B 9 -10.18 11.18 24.68
C VAL B 9 -11.37 11.38 25.60
N LYS B 10 -11.26 10.88 26.84
CA LYS B 10 -12.38 11.01 27.76
C LYS B 10 -12.58 12.46 28.16
N GLU B 11 -11.50 13.21 28.33
CA GLU B 11 -11.62 14.63 28.66
C GLU B 11 -12.20 15.41 27.49
N VAL B 12 -11.87 15.02 26.24
CA VAL B 12 -12.54 15.66 25.09
C VAL B 12 -14.04 15.44 25.16
N TYR B 13 -14.47 14.18 25.33
CA TYR B 13 -15.91 13.85 25.37
C TYR B 13 -16.60 14.62 26.48
N SER B 14 -15.91 14.86 27.58
CA SER B 14 -16.52 15.55 28.71
C SER B 14 -16.84 17.01 28.44
N LYS B 15 -16.22 17.65 27.43
CA LYS B 15 -16.35 19.08 27.14
C LYS B 15 -17.10 19.38 25.84
N VAL B 16 -17.11 18.45 24.90
CA VAL B 16 -17.52 18.79 23.54
C VAL B 16 -18.97 19.26 23.51
N ASP B 17 -19.84 18.68 24.31
CA ASP B 17 -21.25 19.07 24.28
C ASP B 17 -21.54 20.31 25.13
N GLN B 18 -20.54 20.90 25.76
CA GLN B 18 -20.73 22.16 26.51
C GLN B 18 -20.10 23.36 25.82
N LEU B 19 -19.46 23.18 24.66
CA LEU B 19 -18.76 24.26 23.99
C LEU B 19 -19.73 25.35 23.54
N LYS B 20 -19.25 26.58 23.64
CA LYS B 20 -19.99 27.81 23.32
C LYS B 20 -19.20 28.59 22.28
N ALA B 21 -19.92 29.45 21.52
CA ALA B 21 -19.25 30.37 20.59
C ALA B 21 -18.10 31.07 21.27
N GLY B 22 -16.92 31.12 20.59
CA GLY B 22 -15.72 31.72 21.09
C GLY B 22 -14.81 30.80 21.90
N ASP B 23 -15.31 29.64 22.33
CA ASP B 23 -14.46 28.66 23.04
C ASP B 23 -13.48 28.03 22.08
N THR B 24 -12.28 27.74 22.59
CA THR B 24 -11.28 26.95 21.90
C THR B 24 -10.97 25.75 22.78
N LEU B 25 -11.24 24.55 22.26
CA LEU B 25 -10.95 23.32 22.97
C LEU B 25 -9.55 22.91 22.52
N LEU B 26 -8.56 23.06 23.41
CA LEU B 26 -7.16 22.86 23.06
C LEU B 26 -6.69 21.52 23.56
N LEU B 27 -6.15 20.70 22.65
CA LEU B 27 -5.71 19.36 23.00
C LEU B 27 -4.23 19.33 23.33
N LYS B 28 -3.91 18.82 24.51
CA LYS B 28 -2.50 18.72 24.88
C LYS B 28 -1.84 17.61 24.05
N ASP B 29 -0.51 17.67 23.93
CA ASP B 29 0.26 16.71 23.18
C ASP B 29 -0.09 15.26 23.53
N GLY B 30 -0.28 14.42 22.54
CA GLY B 30 -0.59 13.03 22.84
C GLY B 30 -1.29 12.32 21.71
N ILE B 31 -1.55 11.05 21.96
CA ILE B 31 -2.25 10.20 21.01
C ILE B 31 -3.66 10.07 21.51
N TYR B 32 -4.63 10.36 20.64
CA TYR B 32 -6.03 10.29 21.00
C TYR B 32 -6.57 9.10 20.20
N LYS B 33 -6.47 7.86 20.75
CA LYS B 33 -6.80 6.68 20.00
C LYS B 33 -8.29 6.38 20.06
N ASP B 34 -8.86 6.00 18.90
CA ASP B 34 -10.27 5.64 18.76
C ASP B 34 -11.19 6.83 19.07
N ILE B 35 -10.71 8.05 18.87
CA ILE B 35 -11.53 9.23 19.18
C ILE B 35 -12.65 9.38 18.14
N GLN B 36 -13.89 9.49 18.62
CA GLN B 36 -15.08 9.58 17.76
C GLN B 36 -15.59 10.99 18.11
N LEU B 37 -15.09 12.03 17.45
CA LEU B 37 -15.36 13.43 17.81
C LEU B 37 -16.60 13.88 17.04
N VAL B 38 -17.73 14.05 17.74
CA VAL B 38 -19.00 14.46 17.15
C VAL B 38 -19.35 15.82 17.75
N VAL B 39 -19.24 16.88 16.96
CA VAL B 39 -19.42 18.25 17.46
C VAL B 39 -20.79 18.74 16.99
N LYS B 40 -21.74 18.85 17.93
CA LYS B 40 -23.10 19.25 17.57
C LYS B 40 -23.43 20.69 17.93
N ARG B 41 -22.69 21.28 18.86
CA ARG B 41 -22.89 22.70 19.18
C ARG B 41 -22.42 23.58 18.04
N SER B 42 -22.88 24.85 18.04
CA SER B 42 -22.51 25.80 16.99
C SER B 42 -21.84 27.02 17.60
N GLY B 43 -20.88 27.62 16.84
CA GLY B 43 -20.31 28.92 17.14
C GLY B 43 -21.18 29.97 16.46
N SER B 44 -20.60 31.17 16.28
CA SER B 44 -21.17 32.25 15.50
C SER B 44 -20.14 32.73 14.51
N LYS B 45 -20.55 33.58 13.56
CA LYS B 45 -19.59 33.96 12.54
C LYS B 45 -18.41 34.72 13.11
N GLU B 46 -18.65 35.63 14.07
CA GLU B 46 -17.52 36.33 14.67
C GLU B 46 -16.81 35.51 15.73
N LYS B 47 -17.44 34.48 16.30
CA LYS B 47 -16.84 33.68 17.37
C LYS B 47 -17.06 32.19 17.10
N PRO B 48 -16.25 31.62 16.23
CA PRO B 48 -16.36 30.18 15.95
C PRO B 48 -15.98 29.37 17.18
N ILE B 49 -16.40 28.10 17.17
CA ILE B 49 -15.88 27.13 18.14
C ILE B 49 -14.67 26.46 17.49
N VAL B 50 -13.50 26.49 18.13
CA VAL B 50 -12.29 25.92 17.54
C VAL B 50 -11.88 24.71 18.35
N ILE B 51 -11.53 23.61 17.67
CA ILE B 51 -11.01 22.43 18.35
C ILE B 51 -9.64 22.23 17.72
N ALA B 52 -8.58 22.38 18.51
CA ALA B 52 -7.27 22.48 17.91
C ALA B 52 -6.21 21.81 18.76
N ALA B 53 -5.12 21.37 18.14
CA ALA B 53 -3.96 20.98 18.91
C ALA B 53 -3.35 22.21 19.58
N GLN B 54 -2.95 22.07 20.84
CA GLN B 54 -2.21 23.16 21.46
C GLN B 54 -0.91 23.40 20.72
N ASN B 55 -0.26 22.32 20.26
CA ASN B 55 0.99 22.37 19.50
C ASN B 55 0.82 21.54 18.23
N GLY B 56 0.69 22.19 17.07
CA GLY B 56 0.50 21.42 15.85
C GLY B 56 1.62 20.43 15.64
N GLY B 57 1.28 19.19 15.25
CA GLY B 57 2.27 18.17 15.06
C GLY B 57 2.48 17.29 16.28
N LYS B 58 1.91 17.66 17.43
CA LYS B 58 2.01 16.81 18.63
C LYS B 58 0.72 16.10 19.03
N VAL B 59 -0.39 16.32 18.30
CA VAL B 59 -1.68 15.70 18.58
C VAL B 59 -2.05 14.80 17.42
N PHE B 60 -2.23 13.51 17.71
CA PHE B 60 -2.54 12.51 16.71
C PHE B 60 -3.89 11.90 16.98
N PHE B 61 -4.72 11.78 15.96
CA PHE B 61 -5.96 11.04 16.06
C PHE B 61 -5.68 9.73 15.35
N THR B 62 -5.82 8.60 16.06
CA THR B 62 -5.36 7.30 15.59
C THR B 62 -6.43 6.25 15.90
N GLY B 63 -6.18 5.02 15.45
CA GLY B 63 -7.14 3.97 15.79
C GLY B 63 -8.45 4.12 15.03
N ASP B 64 -9.51 3.59 15.62
CA ASP B 64 -10.85 3.63 15.04
C ASP B 64 -11.46 4.98 15.33
N ALA B 65 -11.00 6.00 14.58
CA ALA B 65 -11.33 7.41 14.82
C ALA B 65 -12.29 7.94 13.75
N LYS B 66 -12.93 9.07 14.08
CA LYS B 66 -13.70 9.84 13.08
C LYS B 66 -14.03 11.20 13.69
N VAL B 67 -14.34 12.14 12.80
CA VAL B 67 -14.81 13.48 13.18
C VAL B 67 -16.09 13.77 12.41
N GLU B 68 -17.11 14.31 13.12
CA GLU B 68 -18.34 14.76 12.49
C GLU B 68 -18.55 16.20 12.94
N LEU B 69 -18.47 17.13 12.02
CA LEU B 69 -18.69 18.52 12.35
C LEU B 69 -20.15 18.78 11.96
N ARG B 70 -21.06 18.72 12.96
CA ARG B 70 -22.49 18.79 12.68
C ARG B 70 -23.08 20.15 13.02
N GLY B 71 -22.49 20.87 13.97
CA GLY B 71 -22.89 22.26 14.25
C GLY B 71 -22.38 23.15 13.12
N GLU B 72 -22.59 24.45 13.25
CA GLU B 72 -22.11 25.47 12.31
C GLU B 72 -21.02 26.31 12.98
N TYR B 73 -20.15 26.98 12.17
CA TYR B 73 -19.08 27.89 12.66
C TYR B 73 -18.10 27.16 13.56
N LEU B 74 -17.70 25.95 13.12
CA LEU B 74 -16.76 25.08 13.83
C LEU B 74 -15.46 25.06 13.03
N VAL B 75 -14.35 24.92 13.74
CA VAL B 75 -13.03 24.84 13.12
C VAL B 75 -12.32 23.66 13.72
N LEU B 76 -11.84 22.76 12.88
CA LEU B 76 -10.98 21.66 13.32
C LEU B 76 -9.60 22.04 12.85
N LYS B 77 -8.63 22.13 13.76
CA LYS B 77 -7.35 22.74 13.43
C LYS B 77 -6.12 21.99 13.92
N ASP B 78 -5.14 21.79 13.01
CA ASP B 78 -3.79 21.27 13.34
C ASP B 78 -3.78 19.86 13.94
N ILE B 79 -4.64 18.96 13.44
CA ILE B 79 -4.70 17.58 13.91
C ILE B 79 -3.94 16.72 12.94
N TYR B 80 -3.19 15.74 13.42
CA TYR B 80 -2.49 14.82 12.56
C TYR B 80 -3.18 13.43 12.61
N PHE B 81 -3.71 12.99 11.50
CA PHE B 81 -4.38 11.69 11.38
C PHE B 81 -3.43 10.65 10.81
N LYS B 82 -3.07 9.64 11.59
CA LYS B 82 -2.19 8.57 11.12
C LYS B 82 -2.46 7.33 11.98
N ASP B 83 -1.88 6.17 11.60
CA ASP B 83 -1.98 4.97 12.46
C ASP B 83 -3.43 4.66 12.76
N GLY B 84 -4.23 4.73 11.69
CA GLY B 84 -5.65 4.46 11.80
C GLY B 84 -5.96 2.96 11.78
N ASN B 85 -7.17 2.68 12.23
CA ASN B 85 -7.67 1.31 12.30
C ASN B 85 -9.18 1.25 12.37
N ARG B 86 -9.86 1.93 11.44
CA ARG B 86 -11.31 1.83 11.43
C ARG B 86 -11.71 0.42 10.98
N ASN B 87 -12.93 0.04 11.33
CA ASN B 87 -13.50 -1.22 10.89
C ASN B 87 -13.85 -1.12 9.41
N VAL B 88 -13.15 -1.88 8.57
CA VAL B 88 -13.37 -1.73 7.15
C VAL B 88 -14.79 -2.05 6.75
N ASN B 89 -15.50 -2.87 7.54
CA ASN B 89 -16.91 -3.11 7.18
C ASN B 89 -17.87 -1.99 7.50
N GLN B 90 -17.47 -0.94 8.22
CA GLN B 90 -18.36 0.15 8.58
C GLN B 90 -18.24 1.37 7.65
N TRP B 91 -17.33 1.33 6.67
CA TRP B 91 -17.09 2.47 5.79
C TRP B 91 -17.11 1.99 4.35
N LYS B 92 -17.60 2.84 3.43
CA LYS B 92 -17.61 2.52 1.99
C LYS B 92 -17.43 3.78 1.17
N SER B 93 -16.95 3.60 -0.07
CA SER B 93 -16.93 4.70 -1.04
C SER B 93 -18.31 5.32 -1.19
N HIS B 94 -18.33 6.62 -1.36
CA HIS B 94 -19.52 7.43 -1.46
C HIS B 94 -20.19 7.68 -0.12
N GLY B 95 -19.69 7.17 0.99
CA GLY B 95 -20.12 7.49 2.33
C GLY B 95 -19.43 8.73 2.90
N PRO B 96 -19.63 9.02 4.18
CA PRO B 96 -18.92 10.14 4.80
C PRO B 96 -17.42 9.86 4.85
N GLY B 97 -16.68 10.96 4.97
CA GLY B 97 -15.22 10.85 5.05
C GLY B 97 -14.78 10.68 6.49
N LEU B 98 -13.47 10.41 6.65
CA LEU B 98 -12.88 10.25 7.98
C LEU B 98 -13.25 11.46 8.85
N VAL B 99 -13.10 12.67 8.29
CA VAL B 99 -13.68 13.90 8.79
C VAL B 99 -14.89 14.16 7.87
N ALA B 100 -16.09 14.23 8.42
CA ALA B 100 -17.28 14.50 7.64
C ALA B 100 -17.92 15.79 8.14
N ILE B 101 -18.12 16.74 7.24
CA ILE B 101 -18.64 18.09 7.55
C ILE B 101 -20.10 18.08 7.16
N TYR B 102 -21.00 17.98 8.19
CA TYR B 102 -22.44 17.96 8.00
C TYR B 102 -23.07 19.33 8.11
N GLY B 103 -22.43 20.24 8.83
CA GLY B 103 -22.97 21.57 9.06
C GLY B 103 -22.35 22.60 8.13
N SER B 104 -23.07 23.71 7.93
CA SER B 104 -22.55 24.79 7.10
C SER B 104 -21.54 25.68 7.86
N TYR B 105 -20.79 26.48 7.10
CA TYR B 105 -19.88 27.49 7.68
C TYR B 105 -18.79 26.89 8.54
N ASN B 106 -18.30 25.70 8.14
CA ASN B 106 -17.31 24.97 8.92
C ASN B 106 -15.96 24.94 8.22
N ARG B 107 -14.89 24.73 9.00
CA ARG B 107 -13.55 24.79 8.42
C ARG B 107 -12.66 23.69 8.99
N VAL B 108 -11.89 23.04 8.13
CA VAL B 108 -10.87 22.09 8.53
C VAL B 108 -9.58 22.66 8.05
N THR B 109 -8.63 22.92 8.96
CA THR B 109 -7.41 23.67 8.59
C THR B 109 -6.20 23.07 9.31
N GLY B 110 -5.09 23.02 8.58
CA GLY B 110 -3.80 22.61 9.11
C GLY B 110 -3.75 21.15 9.46
N CYS B 111 -4.65 20.32 8.91
CA CYS B 111 -4.69 18.93 9.31
C CYS B 111 -3.96 18.06 8.31
N VAL B 112 -3.32 16.99 8.83
CA VAL B 112 -2.51 16.09 8.02
C VAL B 112 -3.14 14.73 8.02
N PHE B 113 -3.18 14.11 6.85
CA PHE B 113 -3.74 12.78 6.70
C PHE B 113 -2.72 11.94 5.96
N ASN B 114 -2.13 10.89 6.59
CA ASN B 114 -1.10 10.13 5.92
C ASN B 114 -1.38 8.65 6.07
N ALA B 115 -1.67 8.00 4.95
CA ALA B 115 -1.81 6.54 4.90
C ALA B 115 -2.65 6.00 6.07
N PHE B 116 -3.79 6.66 6.29
CA PHE B 116 -4.48 6.52 7.57
C PHE B 116 -4.80 5.07 7.91
N ASP B 117 -5.58 4.39 7.07
CA ASP B 117 -5.99 3.03 7.40
C ASP B 117 -6.49 2.32 6.14
N GLU B 118 -7.24 1.22 6.34
CA GLU B 118 -7.70 0.37 5.24
C GLU B 118 -9.19 0.50 4.95
N ALA B 119 -9.88 1.42 5.62
CA ALA B 119 -11.32 1.55 5.43
C ALA B 119 -11.59 2.51 4.27
N ASN B 120 -12.34 2.07 3.25
CA ASN B 120 -12.56 2.88 2.07
C ASN B 120 -13.54 4.02 2.37
N SER B 121 -13.04 5.23 2.24
CA SER B 121 -13.79 6.45 2.40
C SER B 121 -12.87 7.58 1.90
N ALA B 122 -13.45 8.76 1.74
CA ALA B 122 -12.65 9.95 1.59
C ALA B 122 -11.96 10.30 2.91
N TYR B 123 -10.96 11.15 2.81
CA TYR B 123 -10.38 11.69 4.03
C TYR B 123 -11.28 12.82 4.57
N ILE B 124 -11.84 13.69 3.70
CA ILE B 124 -12.78 14.73 4.17
C ILE B 124 -13.95 14.72 3.21
N THR B 125 -15.17 14.83 3.74
CA THR B 125 -16.33 15.09 2.90
C THR B 125 -17.11 16.27 3.43
N THR B 126 -17.86 16.91 2.52
CA THR B 126 -19.06 17.64 2.96
C THR B 126 -20.19 16.66 2.69
N SER B 127 -20.98 16.36 3.75
CA SER B 127 -21.93 15.24 3.76
C SER B 127 -23.34 15.80 4.09
N LEU B 128 -24.36 15.29 3.40
CA LEU B 128 -25.73 15.73 3.69
C LEU B 128 -26.16 15.10 4.99
N THR B 129 -27.02 15.81 5.72
CA THR B 129 -27.62 15.21 6.91
C THR B 129 -28.57 14.11 6.48
N GLU B 130 -29.03 13.34 7.47
CA GLU B 130 -29.97 12.25 7.21
C GLU B 130 -31.30 12.74 6.64
N GLU B 131 -31.66 14.00 6.90
CA GLU B 131 -32.86 14.59 6.31
C GLU B 131 -32.61 15.25 4.96
N GLY B 132 -31.37 15.25 4.47
CA GLY B 132 -31.06 15.77 3.16
C GLY B 132 -30.56 17.20 3.08
N LYS B 133 -30.17 17.81 4.18
CA LYS B 133 -29.74 19.20 4.15
C LYS B 133 -28.27 19.27 3.70
N VAL B 134 -28.00 20.19 2.76
CA VAL B 134 -26.69 20.31 2.12
C VAL B 134 -25.83 21.31 2.90
N PRO B 135 -24.63 20.92 3.34
CA PRO B 135 -23.72 21.90 3.94
C PRO B 135 -23.17 22.85 2.89
N LYS B 136 -23.03 24.12 3.26
CA LYS B 136 -22.61 25.19 2.36
C LYS B 136 -21.57 26.09 3.03
N HIS B 137 -20.81 26.78 2.21
CA HIS B 137 -19.83 27.80 2.67
C HIS B 137 -18.80 27.24 3.65
N CYS B 138 -18.32 26.04 3.38
CA CYS B 138 -17.25 25.45 4.18
C CYS B 138 -15.91 25.68 3.53
N ARG B 139 -14.84 25.46 4.32
CA ARG B 139 -13.48 25.64 3.84
C ARG B 139 -12.56 24.52 4.32
N ILE B 140 -11.74 24.01 3.39
CA ILE B 140 -10.70 23.04 3.72
C ILE B 140 -9.40 23.68 3.27
N ASP B 141 -8.46 23.93 4.21
CA ASP B 141 -7.30 24.68 3.78
C ASP B 141 -6.06 24.26 4.55
N HIS B 142 -4.91 24.44 3.91
CA HIS B 142 -3.65 24.13 4.55
C HIS B 142 -3.64 22.73 5.13
N CYS B 143 -4.27 21.79 4.41
CA CYS B 143 -4.26 20.39 4.80
C CYS B 143 -3.34 19.60 3.86
N VAL B 144 -2.92 18.43 4.32
CA VAL B 144 -1.95 17.59 3.61
C VAL B 144 -2.52 16.21 3.51
N PHE B 145 -2.60 15.70 2.28
CA PHE B 145 -3.23 14.40 2.02
C PHE B 145 -2.22 13.54 1.29
N THR B 146 -1.66 12.55 1.97
CA THR B 146 -0.60 11.77 1.36
C THR B 146 -0.79 10.27 1.60
N ASP B 147 -0.24 9.51 0.65
CA ASP B 147 -0.12 8.04 0.75
C ASP B 147 -1.46 7.37 0.98
N LYS B 148 -2.53 7.89 0.33
CA LYS B 148 -3.86 7.27 0.52
C LYS B 148 -3.96 5.92 -0.17
N ILE B 149 -4.23 4.85 0.60
CA ILE B 149 -4.26 3.48 0.08
C ILE B 149 -5.66 2.92 0.03
N THR B 150 -6.67 3.75 0.14
CA THR B 150 -8.05 3.32 0.14
C THR B 150 -8.79 3.94 -1.04
N PHE B 151 -9.88 3.28 -1.42
CA PHE B 151 -10.74 3.75 -2.51
C PHE B 151 -11.53 4.99 -2.09
N ASP B 152 -12.06 5.66 -3.12
CA ASP B 152 -12.75 6.96 -3.04
C ASP B 152 -11.74 8.10 -3.13
N GLN B 153 -12.27 9.27 -3.48
CA GLN B 153 -11.47 10.48 -3.56
C GLN B 153 -10.85 10.84 -2.21
N VAL B 154 -9.81 11.69 -2.26
CA VAL B 154 -9.30 12.31 -1.05
C VAL B 154 -10.39 13.22 -0.43
N ILE B 155 -11.01 14.08 -1.25
CA ILE B 155 -12.09 14.97 -0.76
C ILE B 155 -13.32 14.82 -1.67
N ASN B 156 -14.51 14.68 -1.08
CA ASN B 156 -15.75 14.75 -1.87
C ASN B 156 -16.57 15.94 -1.37
N LEU B 157 -17.02 16.81 -2.27
CA LEU B 157 -17.96 17.93 -1.93
C LEU B 157 -19.33 17.53 -2.48
N ASN B 158 -20.29 17.19 -1.59
CA ASN B 158 -21.58 16.63 -2.04
C ASN B 158 -22.76 17.57 -1.89
N ASN B 159 -23.64 17.56 -2.89
CA ASN B 159 -24.95 18.17 -2.75
C ASN B 159 -26.10 17.16 -3.02
N ARG B 160 -25.81 15.86 -3.17
CA ARG B 160 -26.77 14.76 -3.19
C ARG B 160 -26.12 13.55 -2.53
N PRO B 161 -26.90 12.59 -2.00
CA PRO B 161 -26.26 11.40 -1.40
C PRO B 161 -25.66 10.47 -2.43
N ARG B 162 -26.19 10.49 -3.66
CA ARG B 162 -25.74 9.65 -4.79
C ARG B 162 -26.11 10.41 -6.06
N ALA B 163 -25.47 10.03 -7.17
CA ALA B 163 -25.81 10.68 -8.44
C ALA B 163 -27.27 10.44 -8.78
N ASP B 164 -27.94 11.46 -9.28
CA ASP B 164 -29.32 11.32 -9.74
C ASP B 164 -29.38 11.97 -11.11
N LYS B 165 -28.98 11.22 -12.13
CA LYS B 165 -28.75 11.78 -13.46
C LYS B 165 -30.04 12.23 -14.14
N GLU B 166 -31.18 11.66 -13.79
CA GLU B 166 -32.42 12.02 -14.46
C GLU B 166 -33.21 13.12 -13.76
N SER B 167 -32.81 13.51 -12.55
CA SER B 167 -33.55 14.52 -11.79
C SER B 167 -33.69 15.85 -12.53
N LYS B 168 -34.87 16.47 -12.41
CA LYS B 168 -35.14 17.80 -12.94
C LYS B 168 -34.87 18.89 -11.91
N VAL B 169 -34.57 18.55 -10.67
CA VAL B 169 -34.24 19.58 -9.70
C VAL B 169 -32.72 19.73 -9.67
N LEU B 170 -32.22 20.95 -9.61
CA LEU B 170 -30.76 21.13 -9.60
C LEU B 170 -30.20 20.83 -8.22
N GLY B 171 -28.99 20.25 -8.21
CA GLY B 171 -28.29 20.09 -6.93
C GLY B 171 -27.84 21.45 -6.46
N GLU B 172 -28.04 21.74 -5.15
CA GLU B 172 -27.90 23.09 -4.60
C GLU B 172 -26.46 23.55 -4.65
N ALA B 173 -26.23 24.80 -5.09
CA ALA B 173 -24.86 25.36 -5.05
C ALA B 173 -24.26 25.27 -3.64
N MET B 174 -22.96 24.96 -3.58
CA MET B 174 -22.32 24.66 -2.30
C MET B 174 -21.43 25.78 -1.76
N TYR B 175 -20.75 26.49 -2.61
CA TYR B 175 -19.97 27.66 -2.21
C TYR B 175 -18.85 27.32 -1.23
N HIS B 176 -18.22 26.14 -1.44
CA HIS B 176 -17.06 25.78 -0.64
C HIS B 176 -15.76 26.29 -1.23
N ARG B 177 -14.72 26.31 -0.39
CA ARG B 177 -13.37 26.65 -0.86
C ARG B 177 -12.39 25.58 -0.39
N ILE B 178 -11.56 25.03 -1.30
CA ILE B 178 -10.44 24.15 -0.95
C ILE B 178 -9.21 24.88 -1.40
N ASP B 179 -8.32 25.22 -0.45
CA ASP B 179 -7.19 26.05 -0.83
C ASP B 179 -5.94 25.74 -0.03
N HIS B 180 -4.79 25.97 -0.65
CA HIS B 180 -3.48 25.71 -0.02
C HIS B 180 -3.39 24.30 0.55
N CYS B 181 -3.94 23.31 -0.18
CA CYS B 181 -3.75 21.94 0.29
C CYS B 181 -2.72 21.23 -0.59
N PHE B 182 -2.15 20.16 -0.04
CA PHE B 182 -1.12 19.38 -0.72
C PHE B 182 -1.64 17.98 -0.92
N PHE B 183 -1.43 17.44 -2.12
CA PHE B 183 -1.91 16.09 -2.48
C PHE B 183 -0.79 15.28 -3.13
N SER B 184 -0.53 14.07 -2.62
CA SER B 184 0.40 13.14 -3.29
C SER B 184 0.00 11.74 -2.91
N ASN B 185 -0.50 10.95 -3.87
CA ASN B 185 -1.12 9.67 -3.51
C ASN B 185 -0.88 8.65 -4.60
N PRO B 186 -0.72 7.37 -4.24
CA PRO B 186 -0.22 6.35 -5.19
C PRO B 186 -1.31 5.80 -6.09
N PRO B 187 -0.92 5.21 -7.24
CA PRO B 187 -1.92 4.63 -8.15
C PRO B 187 -2.73 3.50 -7.52
N LYS B 188 -4.04 3.54 -7.80
CA LYS B 188 -4.99 2.51 -7.44
C LYS B 188 -5.61 1.96 -8.72
N PRO B 189 -6.12 0.73 -8.71
CA PRO B 189 -6.65 0.18 -9.95
C PRO B 189 -8.03 0.69 -10.29
N GLY B 190 -8.28 0.84 -11.60
CA GLY B 190 -9.64 1.14 -12.05
C GLY B 190 -10.13 2.54 -11.72
N ASN B 191 -11.45 2.67 -11.59
CA ASN B 191 -12.10 3.95 -11.19
C ASN B 191 -12.11 4.04 -9.67
N ALA B 192 -10.94 4.34 -9.13
CA ALA B 192 -10.66 4.07 -7.74
C ALA B 192 -10.86 5.29 -6.83
N GLY B 193 -11.16 6.42 -7.42
CA GLY B 193 -11.28 7.67 -6.67
C GLY B 193 -9.99 8.49 -6.78
N GLY B 194 -10.08 9.76 -7.17
CA GLY B 194 -8.95 10.67 -7.40
C GLY B 194 -8.68 11.60 -6.25
N GLY B 195 -8.35 12.87 -6.58
CA GLY B 195 -8.02 13.88 -5.57
C GLY B 195 -9.32 14.48 -5.04
N ILE B 196 -10.10 15.18 -5.87
CA ILE B 196 -11.29 15.88 -5.41
C ILE B 196 -12.42 15.56 -6.37
N ARG B 197 -13.62 15.28 -5.82
CA ARG B 197 -14.82 15.24 -6.64
C ARG B 197 -15.76 16.35 -6.13
N VAL B 198 -16.38 17.10 -7.05
CA VAL B 198 -17.33 18.19 -6.68
C VAL B 198 -18.65 17.89 -7.37
N GLY B 199 -19.65 17.43 -6.64
CA GLY B 199 -20.96 17.07 -7.20
C GLY B 199 -20.91 15.74 -7.92
N TYR B 200 -22.01 15.40 -8.63
CA TYR B 200 -22.11 14.09 -9.30
C TYR B 200 -22.50 14.17 -10.77
N TYR B 201 -23.27 15.17 -11.20
CA TYR B 201 -23.73 15.18 -12.60
C TYR B 201 -24.01 16.60 -13.10
N ARG B 202 -24.37 16.64 -14.41
CA ARG B 202 -24.65 17.87 -15.15
C ARG B 202 -25.73 18.70 -14.50
N ASN B 203 -26.67 18.07 -13.78
CA ASN B 203 -27.75 18.77 -13.12
C ASN B 203 -27.40 19.21 -11.70
N ASP B 204 -26.10 19.30 -11.36
CA ASP B 204 -25.67 19.78 -10.05
C ASP B 204 -24.94 21.10 -10.18
N ILE B 205 -25.25 22.08 -9.29
CA ILE B 205 -24.54 23.35 -9.26
C ILE B 205 -23.47 23.30 -8.17
N GLY B 206 -22.24 23.65 -8.51
CA GLY B 206 -21.15 23.64 -7.53
C GLY B 206 -20.85 25.00 -6.96
N ARG B 207 -20.38 25.93 -7.81
CA ARG B 207 -19.96 27.27 -7.36
C ARG B 207 -18.95 27.18 -6.22
N CYS B 208 -18.04 26.19 -6.33
CA CYS B 208 -16.94 26.02 -5.38
C CYS B 208 -15.66 26.54 -5.98
N LEU B 209 -14.79 27.07 -5.10
CA LEU B 209 -13.48 27.63 -5.47
C LEU B 209 -12.39 26.70 -5.01
N ILE B 210 -11.62 26.20 -5.97
CA ILE B 210 -10.49 25.28 -5.69
C ILE B 210 -9.26 26.04 -6.15
N ASP B 211 -8.52 26.61 -5.20
CA ASP B 211 -7.45 27.56 -5.54
C ASP B 211 -6.17 27.27 -4.73
N SER B 212 -5.02 27.58 -5.35
CA SER B 212 -3.76 27.65 -4.62
C SER B 212 -3.39 26.28 -4.04
N ASN B 213 -3.79 25.19 -4.69
CA ASN B 213 -3.43 23.85 -4.19
C ASN B 213 -2.24 23.32 -4.95
N LEU B 214 -1.54 22.38 -4.30
CA LEU B 214 -0.34 21.83 -4.87
C LEU B 214 -0.50 20.32 -4.97
N PHE B 215 -0.56 19.79 -6.19
CA PHE B 215 -0.70 18.36 -6.45
C PHE B 215 0.64 17.87 -6.97
N VAL B 216 1.27 16.93 -6.27
CA VAL B 216 2.63 16.47 -6.64
C VAL B 216 2.54 14.96 -6.69
N ARG B 217 2.59 14.36 -7.89
CA ARG B 217 2.36 12.92 -8.02
C ARG B 217 1.03 12.54 -7.36
N GLN B 218 0.00 13.36 -7.65
CA GLN B 218 -1.37 12.91 -7.35
C GLN B 218 -1.73 11.92 -8.45
N ASP B 219 -1.55 10.62 -8.14
CA ASP B 219 -1.55 9.58 -9.17
C ASP B 219 -2.64 8.52 -8.88
N SER B 220 -3.59 8.80 -7.99
CA SER B 220 -4.56 7.78 -7.56
C SER B 220 -5.30 7.11 -8.70
N GLU B 221 -5.73 7.89 -9.67
CA GLU B 221 -6.42 7.37 -10.83
C GLU B 221 -6.36 8.34 -12.00
N ALA B 222 -7.14 8.11 -13.04
CA ALA B 222 -7.08 9.02 -14.20
C ALA B 222 -7.42 10.47 -13.88
N GLU B 223 -8.30 10.70 -12.89
CA GLU B 223 -8.77 12.07 -12.61
C GLU B 223 -8.12 12.65 -11.35
N ILE B 224 -7.34 13.71 -11.53
CA ILE B 224 -6.84 14.47 -10.37
C ILE B 224 -8.01 15.12 -9.66
N VAL B 225 -8.84 15.82 -10.42
CA VAL B 225 -10.09 16.42 -9.95
C VAL B 225 -11.13 15.93 -10.91
N THR B 226 -12.24 15.44 -10.38
CA THR B 226 -13.36 15.11 -11.24
C THR B 226 -14.45 16.12 -10.89
N SER B 227 -14.48 17.22 -11.66
CA SER B 227 -15.43 18.30 -11.37
C SER B 227 -16.72 17.93 -12.03
N LYS B 228 -17.69 17.57 -11.22
CA LYS B 228 -18.97 17.03 -11.72
C LYS B 228 -20.11 17.96 -11.29
N SER B 229 -19.94 19.25 -11.49
CA SER B 229 -21.01 20.21 -11.24
C SER B 229 -20.70 21.49 -11.96
N GLN B 230 -21.73 22.32 -12.10
CA GLN B 230 -21.59 23.56 -12.87
C GLN B 230 -20.89 24.65 -12.10
N GLU B 231 -20.26 25.56 -12.83
CA GLU B 231 -19.81 26.87 -12.30
C GLU B 231 -18.80 26.74 -11.15
N ASN B 232 -17.88 25.79 -11.24
CA ASN B 232 -16.76 25.73 -10.30
C ASN B 232 -15.57 26.45 -10.89
N VAL B 233 -14.72 27.01 -10.04
CA VAL B 233 -13.54 27.75 -10.49
C VAL B 233 -12.26 27.12 -9.94
N TYR B 234 -11.34 26.78 -10.85
CA TYR B 234 -10.03 26.20 -10.46
C TYR B 234 -9.01 27.27 -10.76
N TYR B 235 -8.48 27.88 -9.70
CA TYR B 235 -7.68 29.11 -9.83
C TYR B 235 -6.31 28.95 -9.17
N GLY B 236 -5.25 29.17 -9.94
CA GLY B 236 -3.90 29.25 -9.34
C GLY B 236 -3.48 27.99 -8.63
N ASN B 237 -3.76 26.82 -9.20
CA ASN B 237 -3.29 25.55 -8.64
C ASN B 237 -2.04 25.10 -9.42
N THR B 238 -1.17 24.34 -8.76
CA THR B 238 0.02 23.78 -9.41
C THR B 238 -0.13 22.27 -9.39
N ILE B 239 -0.02 21.68 -10.59
CA ILE B 239 -0.13 20.22 -10.83
C ILE B 239 1.22 19.81 -11.39
N LEU B 240 2.00 19.07 -10.58
CA LEU B 240 3.38 18.68 -10.90
C LEU B 240 3.52 17.18 -10.96
N ASN B 241 4.02 16.68 -12.10
CA ASN B 241 4.30 15.25 -12.29
C ASN B 241 3.11 14.39 -11.89
N CYS B 242 1.90 14.80 -12.30
CA CYS B 242 0.71 14.06 -11.90
C CYS B 242 0.25 13.15 -13.04
N GLN B 243 0.07 11.85 -12.73
CA GLN B 243 -0.44 10.86 -13.70
C GLN B 243 -1.98 10.92 -13.76
N GLY B 244 -2.49 11.99 -14.38
CA GLY B 244 -3.94 12.18 -14.46
C GLY B 244 -4.19 13.57 -15.02
N THR B 245 -5.47 13.94 -15.07
CA THR B 245 -5.88 15.26 -15.56
C THR B 245 -6.86 15.91 -14.59
N LEU B 246 -6.91 17.24 -14.66
CA LEU B 246 -7.93 18.04 -13.95
C LEU B 246 -9.11 18.11 -14.90
N ASN B 247 -10.26 17.55 -14.53
CA ASN B 247 -11.34 17.39 -15.49
C ASN B 247 -12.58 18.21 -15.20
N PHE B 248 -13.13 18.76 -16.27
CA PHE B 248 -14.48 19.33 -16.25
C PHE B 248 -15.32 18.16 -16.74
N ARG B 249 -15.67 17.27 -15.81
CA ARG B 249 -16.24 15.96 -16.22
C ARG B 249 -17.75 16.01 -16.46
N HIS B 250 -18.50 16.63 -15.52
CA HIS B 250 -19.94 16.87 -15.69
C HIS B 250 -20.21 18.32 -15.30
N GLY B 251 -21.12 18.95 -16.05
CA GLY B 251 -21.51 20.31 -15.73
C GLY B 251 -20.89 21.36 -16.61
N ASP B 252 -21.74 22.22 -17.19
CA ASP B 252 -21.27 23.31 -18.04
C ASP B 252 -20.74 24.48 -17.21
N LYS B 253 -20.15 25.46 -17.90
CA LYS B 253 -19.82 26.77 -17.31
C LYS B 253 -18.80 26.68 -16.18
N GLN B 254 -17.72 25.93 -16.42
CA GLN B 254 -16.65 25.87 -15.43
C GLN B 254 -15.45 26.68 -15.89
N VAL B 255 -14.55 27.01 -14.95
CA VAL B 255 -13.46 27.94 -15.23
C VAL B 255 -12.14 27.37 -14.73
N ALA B 256 -11.10 27.35 -15.57
CA ALA B 256 -9.74 27.02 -15.11
C ALA B 256 -8.86 28.21 -15.45
N LEU B 257 -8.34 28.88 -14.42
CA LEU B 257 -7.66 30.16 -14.55
C LEU B 257 -6.31 30.14 -13.85
N ASN B 258 -5.24 30.48 -14.59
CA ASN B 258 -3.91 30.71 -13.97
C ASN B 258 -3.38 29.49 -13.21
N ASN B 259 -3.63 28.32 -13.74
CA ASN B 259 -3.00 27.12 -13.18
C ASN B 259 -1.67 26.79 -13.88
N PHE B 260 -0.92 25.88 -13.26
CA PHE B 260 0.33 25.35 -13.80
C PHE B 260 0.24 23.86 -13.90
N PHE B 261 0.48 23.33 -15.09
CA PHE B 261 0.46 21.89 -15.31
C PHE B 261 1.86 21.56 -15.77
N ILE B 262 2.71 21.05 -14.86
CA ILE B 262 4.14 21.04 -15.09
C ILE B 262 4.74 19.68 -14.78
N SER B 263 6.01 19.55 -15.16
CA SER B 263 6.68 18.27 -14.97
C SER B 263 8.18 18.54 -14.90
N THR B 264 8.88 17.66 -14.17
CA THR B 264 10.33 17.80 -14.04
C THR B 264 11.04 16.55 -14.54
N ASP B 265 10.33 15.59 -15.15
CA ASP B 265 10.96 14.42 -15.75
C ASP B 265 10.02 13.88 -16.81
N ASN B 266 10.49 12.91 -17.58
CA ASN B 266 9.64 12.28 -18.57
C ASN B 266 9.34 10.83 -18.26
N LYS B 267 9.30 10.46 -16.97
CA LYS B 267 9.20 9.04 -16.57
C LYS B 267 7.82 8.45 -16.86
N TYR B 268 6.73 9.20 -16.60
CA TYR B 268 5.37 8.71 -16.78
C TYR B 268 4.55 9.73 -17.55
N GLY B 269 3.42 9.31 -18.08
CA GLY B 269 2.53 10.28 -18.75
C GLY B 269 1.88 11.17 -17.70
N TYR B 270 1.97 12.49 -17.93
CA TYR B 270 1.44 13.48 -17.01
C TYR B 270 0.36 14.32 -17.70
N GLY B 271 -0.49 14.97 -16.88
CA GLY B 271 -1.52 15.86 -17.38
C GLY B 271 -1.57 17.15 -16.58
N GLY B 272 -2.38 18.13 -17.04
CA GLY B 272 -3.24 18.08 -18.20
C GLY B 272 -4.68 18.31 -17.81
N MET B 273 -5.53 18.61 -18.79
CA MET B 273 -6.96 18.79 -18.54
C MET B 273 -7.78 18.06 -19.58
N PHE B 274 -8.85 17.41 -19.12
CA PHE B 274 -9.78 16.75 -20.05
C PHE B 274 -11.13 17.43 -19.83
N VAL B 275 -11.75 17.88 -20.91
CA VAL B 275 -12.93 18.75 -20.80
C VAL B 275 -14.12 18.17 -21.55
N TRP B 276 -15.23 18.04 -20.83
CA TRP B 276 -16.55 17.69 -21.36
C TRP B 276 -17.45 18.88 -21.15
N GLY B 277 -18.50 19.02 -21.96
CA GLY B 277 -19.47 20.12 -21.78
C GLY B 277 -19.07 21.46 -22.42
N SER B 278 -19.92 22.48 -22.18
CA SER B 278 -19.80 23.75 -22.90
C SER B 278 -19.78 24.97 -21.97
N GLN B 279 -19.55 26.13 -22.59
CA GLN B 279 -19.54 27.44 -21.91
C GLN B 279 -18.41 27.56 -20.88
N HIS B 280 -17.33 26.82 -21.11
CA HIS B 280 -16.18 26.85 -20.19
C HIS B 280 -15.20 27.97 -20.54
N ILE B 281 -14.36 28.33 -19.55
CA ILE B 281 -13.26 29.28 -19.79
C ILE B 281 -12.01 28.56 -19.35
N ILE B 282 -11.07 28.46 -20.24
CA ILE B 282 -9.79 27.83 -19.96
C ILE B 282 -8.78 28.93 -20.28
N ALA B 283 -8.28 29.64 -19.26
CA ALA B 283 -7.51 30.85 -19.54
C ALA B 283 -6.26 30.96 -18.67
N ASN B 284 -5.19 31.55 -19.24
CA ASN B 284 -3.94 31.89 -18.51
C ASN B 284 -3.26 30.67 -17.86
N ASN B 285 -3.43 29.48 -18.41
CA ASN B 285 -2.82 28.26 -17.83
C ASN B 285 -1.51 27.96 -18.53
N TYR B 286 -0.50 27.53 -17.78
CA TYR B 286 0.81 27.16 -18.30
C TYR B 286 0.92 25.64 -18.32
N PHE B 287 1.30 25.08 -19.47
CA PHE B 287 1.49 23.64 -19.63
C PHE B 287 2.91 23.35 -20.09
N ASN B 288 3.60 22.45 -19.37
CA ASN B 288 4.89 21.92 -19.85
C ASN B 288 4.91 20.46 -19.41
N LEU B 289 4.40 19.57 -20.24
CA LEU B 289 4.31 18.16 -19.91
C LEU B 289 5.37 17.39 -20.72
N LYS B 290 6.40 16.93 -20.03
CA LYS B 290 7.53 16.26 -20.72
C LYS B 290 7.18 14.87 -21.22
N LYS B 291 6.05 14.31 -20.77
CA LYS B 291 5.47 13.10 -21.30
C LYS B 291 3.98 13.22 -21.03
N THR B 292 3.18 12.88 -22.03
CA THR B 292 1.73 12.92 -21.90
C THR B 292 1.16 11.49 -21.86
N ILE B 293 -0.15 11.41 -21.63
CA ILE B 293 -0.81 10.14 -21.28
C ILE B 293 -1.30 9.45 -22.56
N LYS B 294 -0.68 8.31 -22.92
CA LYS B 294 -1.05 7.63 -24.16
C LYS B 294 -2.51 7.19 -24.19
N ALA B 295 -3.00 6.63 -23.09
CA ALA B 295 -4.36 6.10 -23.05
C ALA B 295 -5.41 7.17 -23.25
N ARG B 296 -5.08 8.45 -23.01
CA ARG B 296 -6.09 9.48 -23.22
C ARG B 296 -5.97 10.17 -24.57
N GLY B 297 -4.80 10.11 -25.22
CA GLY B 297 -4.61 10.84 -26.46
C GLY B 297 -3.36 11.69 -26.53
N ASN B 298 -2.45 11.56 -25.58
CA ASN B 298 -1.12 12.20 -25.63
C ASN B 298 -1.24 13.72 -25.84
N ALA B 299 -1.84 14.42 -24.88
CA ALA B 299 -2.06 15.85 -25.09
C ALA B 299 -2.01 16.61 -23.75
N ALA B 300 -1.89 17.95 -23.84
CA ALA B 300 -1.98 18.78 -22.65
C ALA B 300 -3.45 19.10 -22.35
N LEU B 301 -4.22 19.42 -23.38
CA LEU B 301 -5.63 19.77 -23.23
C LEU B 301 -6.45 18.89 -24.16
N TYR B 302 -7.45 18.21 -23.62
CA TYR B 302 -8.26 17.26 -24.40
C TYR B 302 -9.67 17.79 -24.43
N LEU B 303 -10.27 17.87 -25.63
CA LEU B 303 -11.64 18.39 -25.76
C LEU B 303 -12.55 17.26 -26.22
N ASN B 304 -13.51 16.90 -25.40
CA ASN B 304 -14.28 15.68 -25.59
C ASN B 304 -15.18 15.69 -26.82
N PRO B 305 -15.14 14.64 -27.65
CA PRO B 305 -16.15 14.47 -28.68
C PRO B 305 -17.28 13.56 -28.19
N GLY B 306 -18.47 13.79 -28.72
CA GLY B 306 -19.62 13.02 -28.29
C GLY B 306 -20.93 13.74 -28.50
N PRO B 307 -22.02 13.18 -27.96
CA PRO B 307 -23.31 13.85 -28.05
C PRO B 307 -23.42 15.01 -27.06
N GLU B 308 -24.12 16.09 -27.46
CA GLU B 308 -24.28 17.25 -26.56
C GLU B 308 -25.05 16.88 -25.32
N GLY B 309 -24.61 17.42 -24.18
CA GLY B 309 -25.37 17.29 -22.93
C GLY B 309 -25.58 15.88 -22.41
N SER B 310 -24.75 14.92 -22.83
CA SER B 310 -24.85 13.52 -22.48
C SER B 310 -23.92 13.17 -21.32
N GLU B 311 -23.88 11.88 -20.97
CA GLU B 311 -22.97 11.33 -19.97
C GLU B 311 -21.51 11.56 -20.40
N HIS B 312 -21.25 11.66 -21.71
CA HIS B 312 -19.94 12.03 -22.26
C HIS B 312 -20.15 13.30 -23.08
N ALA B 313 -20.55 14.40 -22.40
CA ALA B 313 -21.00 15.60 -23.09
C ALA B 313 -19.93 16.20 -23.99
N LEU B 314 -20.34 16.50 -25.23
CA LEU B 314 -19.50 17.21 -26.20
C LEU B 314 -18.90 18.47 -25.58
N ALA B 315 -17.61 18.70 -25.85
CA ALA B 315 -16.97 19.97 -25.54
C ALA B 315 -17.25 20.90 -26.70
N PHE B 316 -17.92 22.01 -26.42
CA PHE B 316 -18.21 23.02 -27.46
C PHE B 316 -18.48 24.38 -26.84
N ASN B 317 -18.55 25.41 -27.69
CA ASN B 317 -18.94 26.78 -27.26
C ASN B 317 -18.22 27.22 -25.98
N SER B 318 -16.89 27.21 -26.06
CA SER B 318 -16.05 27.51 -24.90
C SER B 318 -14.92 28.43 -25.34
N LEU B 319 -14.18 28.94 -24.37
CA LEU B 319 -13.16 29.96 -24.62
C LEU B 319 -11.83 29.42 -24.11
N ILE B 320 -10.84 29.34 -24.99
CA ILE B 320 -9.48 28.88 -24.67
C ILE B 320 -8.57 30.06 -25.00
N VAL B 321 -8.12 30.81 -23.99
CA VAL B 321 -7.38 32.04 -24.26
C VAL B 321 -6.18 32.20 -23.34
N ASN B 322 -5.16 32.87 -23.87
CA ASN B 322 -4.01 33.33 -23.10
C ASN B 322 -3.23 32.22 -22.40
N ASN B 323 -3.39 30.94 -22.82
CA ASN B 323 -2.60 29.85 -22.25
C ASN B 323 -1.24 29.78 -22.91
N PHE B 324 -0.30 29.12 -22.25
CA PHE B 324 1.06 28.94 -22.75
C PHE B 324 1.33 27.43 -22.79
N PHE B 325 1.38 26.89 -24.00
CA PHE B 325 1.66 25.47 -24.26
C PHE B 325 3.14 25.37 -24.58
N ASP B 326 3.96 25.15 -23.55
CA ASP B 326 5.43 25.27 -23.62
C ASP B 326 6.13 23.91 -23.66
N ASP B 327 6.56 23.50 -24.87
CA ASP B 327 7.38 22.31 -25.11
C ASP B 327 6.74 21.02 -24.58
N ASN B 328 5.44 20.86 -24.80
CA ASN B 328 4.78 19.62 -24.44
C ASN B 328 5.26 18.52 -25.39
N ASN B 329 5.40 17.32 -24.83
CA ASN B 329 5.70 16.10 -25.57
C ASN B 329 4.35 15.44 -25.82
N GLY B 330 3.76 15.80 -26.94
CA GLY B 330 2.41 15.41 -27.29
C GLY B 330 1.76 16.54 -28.06
N TYR B 331 0.46 16.39 -28.35
CA TYR B 331 -0.32 17.52 -28.88
C TYR B 331 -0.57 18.56 -27.80
N ASP B 332 -0.64 19.83 -28.19
CA ASP B 332 -1.04 20.85 -27.24
C ASP B 332 -2.55 20.75 -26.97
N ILE B 333 -3.36 20.67 -28.03
CA ILE B 333 -4.81 20.49 -27.89
C ILE B 333 -5.27 19.36 -28.80
N ASN B 334 -5.96 18.38 -28.23
CA ASN B 334 -6.51 17.23 -28.95
C ASN B 334 -8.02 17.39 -29.00
N PHE B 335 -8.58 17.56 -30.21
CA PHE B 335 -10.02 17.75 -30.40
C PHE B 335 -10.75 16.46 -30.75
N GLU B 336 -10.07 15.32 -30.64
CA GLU B 336 -10.69 14.06 -30.96
C GLU B 336 -10.22 12.93 -30.07
N PRO B 337 -10.09 13.12 -28.74
CA PRO B 337 -9.66 12.01 -27.90
C PRO B 337 -10.71 10.91 -27.87
N LEU B 338 -10.26 9.63 -27.83
CA LEU B 338 -11.15 8.49 -27.61
C LEU B 338 -12.29 8.46 -28.65
N LEU B 339 -11.91 8.79 -29.87
CA LEU B 339 -12.88 9.01 -30.95
C LEU B 339 -13.78 7.81 -31.16
N GLU B 340 -13.19 6.62 -31.36
CA GLU B 340 -14.00 5.42 -31.63
C GLU B 340 -14.90 5.04 -30.47
N ARG B 341 -14.37 5.06 -29.24
CA ARG B 341 -15.22 4.78 -28.08
C ARG B 341 -16.38 5.77 -27.98
N ARG B 342 -16.15 7.04 -28.27
CA ARG B 342 -17.21 8.03 -28.17
C ARG B 342 -18.24 7.81 -29.26
N LYS B 343 -17.79 7.43 -30.45
CA LYS B 343 -18.76 7.08 -31.49
C LYS B 343 -19.62 5.90 -31.07
N GLU B 344 -19.01 4.89 -30.46
CA GLU B 344 -19.75 3.74 -29.94
C GLU B 344 -20.70 4.17 -28.85
N PHE B 345 -20.27 5.11 -27.97
CA PHE B 345 -21.18 5.56 -26.92
C PHE B 345 -22.38 6.25 -27.50
N ALA B 346 -22.15 7.18 -28.46
CA ALA B 346 -23.28 7.90 -29.01
C ALA B 346 -24.30 6.95 -29.60
N LYS B 347 -23.83 5.86 -30.24
CA LYS B 347 -24.75 4.86 -30.79
C LYS B 347 -25.50 4.12 -29.67
N GLU B 348 -24.81 3.78 -28.57
CA GLU B 348 -25.46 3.10 -27.45
C GLU B 348 -26.63 3.90 -26.88
N VAL B 349 -26.47 5.21 -26.73
CA VAL B 349 -27.52 6.03 -26.15
C VAL B 349 -28.40 6.68 -27.21
N ASN B 350 -28.27 6.23 -28.46
CA ASN B 350 -29.11 6.76 -29.54
C ASN B 350 -29.08 8.27 -29.63
N ALA B 351 -27.86 8.85 -29.69
CA ALA B 351 -27.73 10.30 -29.77
C ALA B 351 -26.71 10.69 -30.82
N GLU B 352 -26.84 11.94 -31.30
CA GLU B 352 -26.06 12.39 -32.43
C GLU B 352 -24.61 12.61 -31.98
N PHE B 353 -23.68 11.93 -32.63
CA PHE B 353 -22.27 12.14 -32.35
C PHE B 353 -21.79 13.44 -32.99
N LYS B 354 -21.01 14.25 -32.25
CA LYS B 354 -20.48 15.49 -32.83
C LYS B 354 -19.02 15.65 -32.45
N LEU B 355 -18.30 16.43 -33.27
CA LEU B 355 -16.96 16.83 -32.94
C LEU B 355 -17.00 18.21 -32.27
N PRO B 356 -16.02 18.55 -31.43
CA PRO B 356 -16.03 19.90 -30.81
C PRO B 356 -16.16 21.01 -31.82
N TYR B 357 -16.97 22.02 -31.49
CA TYR B 357 -17.20 23.15 -32.39
C TYR B 357 -17.43 24.44 -31.63
N ASN B 358 -17.28 25.58 -32.32
CA ASN B 358 -17.49 26.91 -31.76
C ASN B 358 -16.64 27.15 -30.53
N ILE B 359 -15.43 26.61 -30.47
CA ILE B 359 -14.53 26.91 -29.38
C ILE B 359 -13.61 28.01 -29.87
N THR B 360 -13.56 29.14 -29.14
CA THR B 360 -12.72 30.26 -29.56
C THR B 360 -11.31 30.07 -29.00
N ILE B 361 -10.33 30.08 -29.87
CA ILE B 361 -8.92 29.81 -29.50
C ILE B 361 -8.11 31.05 -29.86
N GLU B 362 -7.69 31.83 -28.85
CA GLU B 362 -7.14 33.15 -29.13
C GLU B 362 -6.13 33.55 -28.07
N GLY B 363 -5.05 34.25 -28.48
CA GLY B 363 -4.12 34.72 -27.49
C GLY B 363 -3.27 33.64 -26.86
N ASN B 364 -3.25 32.45 -27.45
CA ASN B 364 -2.43 31.40 -26.84
C ASN B 364 -1.01 31.43 -27.44
N LEU B 365 -0.03 31.00 -26.66
CA LEU B 365 1.36 30.89 -27.10
C LEU B 365 1.73 29.42 -27.12
N PHE B 366 2.25 28.97 -28.25
CA PHE B 366 2.68 27.60 -28.46
C PHE B 366 4.18 27.65 -28.67
N ALA B 367 4.93 26.91 -27.90
CA ALA B 367 6.39 26.86 -28.09
C ALA B 367 6.91 25.44 -28.06
N SER B 368 7.97 25.19 -28.83
CA SER B 368 8.54 23.86 -28.87
C SER B 368 10.00 23.87 -29.24
N LYS B 369 10.74 22.92 -28.66
CA LYS B 369 12.12 22.66 -29.05
C LYS B 369 12.23 21.44 -29.95
N GLN B 370 11.12 20.84 -30.35
CA GLN B 370 11.08 19.53 -31.01
C GLN B 370 10.90 19.59 -32.52
N GLY B 371 10.84 20.80 -33.10
CA GLY B 371 10.67 20.92 -34.53
C GLY B 371 9.38 20.36 -35.06
N ASP B 372 9.43 19.95 -36.33
CA ASP B 372 8.26 19.42 -37.00
C ASP B 372 7.74 18.10 -36.41
N LYS B 373 8.50 17.43 -35.51
CA LYS B 373 7.93 16.29 -34.76
C LYS B 373 6.81 16.73 -33.83
N HIS B 374 6.74 18.00 -33.47
CA HIS B 374 5.66 18.49 -32.62
C HIS B 374 4.53 19.04 -33.48
N ILE B 375 3.34 18.51 -33.25
CA ILE B 375 2.10 18.86 -33.93
C ILE B 375 1.21 19.49 -32.87
N PRO B 376 0.87 20.77 -32.99
CA PRO B 376 0.12 21.43 -31.91
C PRO B 376 -1.29 20.92 -31.75
N PHE B 377 -2.00 20.61 -32.85
CA PHE B 377 -3.40 20.21 -32.75
C PHE B 377 -3.68 18.88 -33.43
N LEU B 378 -4.58 18.09 -32.85
CA LEU B 378 -5.16 16.91 -33.49
C LEU B 378 -6.65 17.13 -33.63
N GLY B 379 -7.17 16.91 -34.83
CA GLY B 379 -8.61 17.05 -34.99
C GLY B 379 -9.04 18.20 -35.87
N ASN B 380 -10.35 18.47 -35.82
CA ASN B 380 -11.01 19.45 -36.70
C ASN B 380 -10.98 20.87 -36.12
N LEU B 381 -10.11 21.72 -36.67
CA LEU B 381 -10.06 23.13 -36.30
C LEU B 381 -11.08 23.99 -37.02
N ASP B 382 -11.46 23.64 -38.23
CA ASP B 382 -12.37 24.52 -38.95
C ASP B 382 -13.74 24.60 -38.34
N LYS B 383 -14.15 23.59 -37.53
CA LYS B 383 -15.40 23.69 -36.78
C LYS B 383 -15.30 24.66 -35.61
N ASN B 384 -14.10 25.11 -35.31
CA ASN B 384 -13.83 26.03 -34.20
C ASN B 384 -13.37 27.41 -34.70
N ASN B 385 -13.16 28.31 -33.75
CA ASN B 385 -12.85 29.72 -34.06
C ASN B 385 -11.40 30.03 -33.68
N LEU B 386 -10.48 29.71 -34.57
CA LEU B 386 -9.07 29.95 -34.38
C LEU B 386 -8.74 31.38 -34.77
N GLN B 387 -8.46 32.21 -33.78
CA GLN B 387 -8.16 33.63 -34.00
C GLN B 387 -6.65 33.81 -33.91
N ASN B 388 -6.16 34.99 -33.56
CA ASN B 388 -4.73 35.24 -33.45
C ASN B 388 -4.14 34.40 -32.32
N ASN B 389 -3.15 33.56 -32.65
CA ASN B 389 -2.31 32.87 -31.68
C ASN B 389 -0.87 32.96 -32.17
N TYR B 390 0.07 32.58 -31.30
CA TYR B 390 1.47 32.96 -31.43
C TYR B 390 2.33 31.73 -31.20
N SER B 391 3.54 31.71 -31.80
CA SER B 391 4.42 30.57 -31.54
C SER B 391 5.89 30.97 -31.54
N PHE B 392 6.69 30.18 -30.84
CA PHE B 392 8.14 30.39 -30.77
C PHE B 392 8.78 29.02 -30.85
N GLY B 393 9.65 28.82 -31.81
CA GLY B 393 10.20 27.49 -32.02
C GLY B 393 9.44 26.81 -33.12
N GLN B 394 10.18 26.27 -34.08
CA GLN B 394 9.56 25.70 -35.26
C GLN B 394 8.75 24.46 -34.87
N MET B 395 7.56 24.33 -35.44
CA MET B 395 6.67 23.18 -35.22
C MET B 395 5.80 22.95 -36.45
N ALA B 396 5.22 21.75 -36.54
CA ALA B 396 4.25 21.49 -37.61
C ALA B 396 3.10 22.49 -37.54
N ASN B 397 2.57 22.88 -38.72
CA ASN B 397 1.36 23.74 -38.85
C ASN B 397 1.55 25.15 -38.29
N ASP B 398 2.82 25.52 -38.26
CA ASP B 398 3.38 26.79 -37.86
C ASP B 398 2.73 28.00 -38.54
N LYS B 399 2.26 27.80 -39.77
CA LYS B 399 1.67 28.90 -40.55
C LYS B 399 0.41 29.44 -39.91
N LEU B 400 -0.23 28.65 -39.03
CA LEU B 400 -1.39 29.09 -38.28
C LEU B 400 -1.09 30.24 -37.31
N PHE B 401 0.17 30.39 -36.90
CA PHE B 401 0.56 31.25 -35.77
C PHE B 401 1.44 32.39 -36.24
N THR B 402 1.43 33.49 -35.46
CA THR B 402 2.30 34.67 -35.61
C THR B 402 3.58 34.44 -34.81
N ASN B 403 4.74 34.63 -35.45
CA ASN B 403 6.02 34.39 -34.82
C ASN B 403 6.27 35.41 -33.72
N VAL B 404 6.75 34.93 -32.57
CA VAL B 404 7.15 35.78 -31.47
C VAL B 404 8.49 35.30 -30.89
N LYS B 405 9.11 36.16 -30.05
CA LYS B 405 10.46 35.86 -29.52
C LYS B 405 10.59 36.23 -28.04
N PRO B 406 11.25 35.39 -27.24
CA PRO B 406 11.37 35.71 -25.80
C PRO B 406 12.29 36.91 -25.57
N THR B 407 12.00 37.66 -24.52
CA THR B 407 12.89 38.74 -24.07
C THR B 407 13.52 38.47 -22.70
N THR B 408 12.94 37.57 -21.92
CA THR B 408 13.43 37.25 -20.58
C THR B 408 13.85 35.79 -20.62
N ASP B 409 14.54 35.34 -19.58
CA ASP B 409 14.89 33.94 -19.44
C ASP B 409 14.02 33.36 -18.34
N GLY B 410 13.44 32.18 -18.59
CA GLY B 410 12.66 31.49 -17.59
C GLY B 410 11.28 32.09 -17.33
N SER B 411 10.75 32.88 -18.26
CA SER B 411 9.45 33.50 -18.00
C SER B 411 8.29 32.56 -18.30
N TYR B 412 7.31 32.50 -17.39
CA TYR B 412 6.07 31.78 -17.66
C TYR B 412 5.07 32.64 -18.39
N ASN B 413 5.39 33.94 -18.64
CA ASN B 413 4.42 34.93 -19.07
C ASN B 413 4.56 35.24 -20.56
N PRO B 414 3.63 34.82 -21.40
CA PRO B 414 3.74 35.16 -22.84
C PRO B 414 3.83 36.65 -23.13
N GLN B 415 3.39 37.52 -22.21
CA GLN B 415 3.51 38.97 -22.43
C GLN B 415 4.97 39.41 -22.46
N SER B 416 5.90 38.57 -22.02
CA SER B 416 7.32 38.89 -22.15
C SER B 416 7.87 38.51 -23.53
N TYR B 417 7.05 38.04 -24.43
CA TYR B 417 7.50 37.68 -25.76
C TYR B 417 7.17 38.81 -26.72
N LYS B 418 8.17 39.20 -27.53
CA LYS B 418 7.99 40.35 -28.42
C LYS B 418 7.07 39.93 -29.55
N GLY B 419 6.00 40.71 -29.78
CA GLY B 419 4.99 40.37 -30.78
C GLY B 419 3.73 39.77 -30.20
N TYR B 420 3.79 39.28 -28.95
CA TYR B 420 2.64 38.60 -28.37
C TYR B 420 1.54 39.59 -27.98
N GLN B 421 0.28 39.20 -28.17
CA GLN B 421 -0.85 39.97 -27.70
C GLN B 421 -1.88 39.08 -27.02
N LEU B 422 -2.46 39.60 -25.95
CA LEU B 422 -3.52 38.90 -25.22
C LEU B 422 -4.81 38.89 -26.06
N ALA B 423 -5.67 37.92 -25.75
CA ALA B 423 -6.95 37.78 -26.44
C ALA B 423 -7.84 38.97 -26.10
N ASN B 424 -8.68 39.35 -27.07
CA ASN B 424 -9.68 40.38 -26.81
C ASN B 424 -10.95 39.66 -26.39
N VAL B 425 -11.28 39.73 -25.11
CA VAL B 425 -12.47 39.08 -24.62
C VAL B 425 -13.43 40.15 -24.15
N LYS B 426 -14.72 39.83 -24.15
CA LYS B 426 -15.69 40.81 -23.67
C LYS B 426 -16.91 40.08 -23.11
N ASP B 427 -17.64 40.78 -22.24
CA ASP B 427 -18.90 40.28 -21.69
C ASP B 427 -18.75 38.96 -20.93
N ILE B 428 -17.60 38.76 -20.26
CA ILE B 428 -17.39 37.54 -19.48
C ILE B 428 -18.17 37.63 -18.18
N LYS B 429 -18.96 36.61 -17.89
CA LYS B 429 -19.74 36.56 -16.66
C LYS B 429 -18.90 36.12 -15.46
N ASN B 430 -19.06 36.82 -14.35
CA ASN B 430 -18.58 36.32 -13.07
C ASN B 430 -19.48 35.21 -12.57
N ILE B 431 -18.95 34.38 -11.65
CA ILE B 431 -19.74 33.30 -11.07
C ILE B 431 -20.33 33.69 -9.74
N GLU B 432 -21.63 33.50 -9.59
CA GLU B 432 -22.27 33.87 -8.35
C GLU B 432 -21.61 33.24 -7.12
N GLY B 433 -21.34 34.08 -6.11
CA GLY B 433 -20.80 33.62 -4.86
C GLY B 433 -19.30 33.38 -4.86
N ILE B 434 -18.63 33.60 -5.97
CA ILE B 434 -17.15 33.51 -6.05
C ILE B 434 -16.63 34.92 -6.30
N ASP B 435 -15.93 35.49 -5.32
CA ASP B 435 -15.52 36.89 -5.32
C ASP B 435 -14.28 37.16 -6.18
N LEU B 436 -14.37 36.79 -7.45
CA LEU B 436 -13.31 36.97 -8.42
C LEU B 436 -13.87 37.65 -9.65
N ASP B 437 -13.20 38.68 -10.14
CA ASP B 437 -13.58 39.41 -11.34
C ASP B 437 -12.95 38.61 -12.46
N ILE B 438 -13.73 37.77 -13.12
CA ILE B 438 -13.11 36.82 -14.06
C ILE B 438 -12.53 37.53 -15.27
N GLN B 439 -13.28 38.51 -15.83
CA GLN B 439 -12.75 39.21 -16.99
C GLN B 439 -11.45 39.93 -16.67
N ASN B 440 -11.38 40.58 -15.49
CA ASN B 440 -10.16 41.29 -15.16
C ASN B 440 -9.01 40.30 -15.03
N LEU B 441 -9.29 39.13 -14.41
CA LEU B 441 -8.21 38.13 -14.25
C LEU B 441 -7.76 37.57 -15.60
N ILE B 442 -8.69 37.30 -16.52
CA ILE B 442 -8.30 36.86 -17.86
C ILE B 442 -7.36 37.90 -18.48
N ASN B 443 -7.74 39.18 -18.37
CA ASN B 443 -6.96 40.23 -19.02
C ASN B 443 -5.59 40.49 -18.40
N LYS B 444 -5.32 40.06 -17.16
CA LYS B 444 -3.98 40.21 -16.61
C LYS B 444 -2.98 39.20 -17.15
N GLY B 445 -3.46 38.06 -17.66
CA GLY B 445 -2.58 37.02 -18.18
C GLY B 445 -1.87 36.22 -17.09
N ILE B 446 -0.76 35.62 -17.52
CA ILE B 446 -0.03 34.68 -16.68
C ILE B 446 0.99 35.47 -15.89
N GLU B 447 0.59 35.97 -14.71
CA GLU B 447 1.53 36.75 -13.89
C GLU B 447 2.15 35.93 -12.75
N GLY B 448 1.71 34.70 -12.57
CA GLY B 448 2.16 33.89 -11.44
C GLY B 448 3.32 33.00 -11.75
N ASN B 449 3.63 32.15 -10.76
CA ASN B 449 4.62 31.10 -10.95
C ASN B 449 4.20 29.89 -10.11
N PRO B 450 4.80 28.71 -10.39
CA PRO B 450 4.37 27.46 -9.69
C PRO B 450 4.49 27.58 -8.18
N LEU B 451 3.53 26.96 -7.47
CA LEU B 451 3.56 26.87 -6.02
C LEU B 451 4.63 25.87 -5.61
N THR B 452 5.18 26.06 -4.42
CA THR B 452 6.04 25.05 -3.82
C THR B 452 5.48 24.66 -2.46
N TRP B 453 6.08 23.61 -1.87
CA TRP B 453 5.66 23.11 -0.57
C TRP B 453 5.55 24.22 0.48
N ASN B 454 6.56 25.11 0.57
CA ASN B 454 6.51 26.12 1.59
C ASN B 454 5.36 27.11 1.39
N ASP B 455 4.82 27.20 0.16
CA ASP B 455 3.69 28.10 -0.11
C ASP B 455 2.34 27.61 0.42
N VAL B 456 2.23 26.31 0.70
CA VAL B 456 0.95 25.73 1.10
C VAL B 456 1.00 25.03 2.43
N ARG B 457 2.19 24.60 2.90
CA ARG B 457 2.24 23.73 4.07
C ARG B 457 1.66 24.35 5.35
N PRO B 458 1.13 23.50 6.25
CA PRO B 458 0.80 23.98 7.60
C PRO B 458 2.07 24.55 8.23
N SER B 459 1.93 25.69 8.93
CA SER B 459 3.12 26.37 9.44
C SER B 459 3.95 25.50 10.35
N TRP B 460 3.34 24.55 11.03
CA TRP B 460 4.07 23.72 11.99
C TRP B 460 4.76 22.51 11.37
N LEU B 461 4.47 22.20 10.09
CA LEU B 461 4.97 20.97 9.49
C LEU B 461 6.12 21.31 8.57
N VAL B 462 7.32 20.78 8.85
CA VAL B 462 8.51 21.12 8.09
C VAL B 462 8.63 20.33 6.77
N GLU B 463 8.58 19.02 6.84
CA GLU B 463 8.78 18.13 5.69
C GLU B 463 7.48 17.52 5.20
N ILE B 464 7.47 17.22 3.90
CA ILE B 464 6.31 16.53 3.34
C ILE B 464 6.21 15.17 4.00
N PRO B 465 5.05 14.77 4.54
CA PRO B 465 4.95 13.48 5.24
C PRO B 465 4.75 12.33 4.27
N GLY B 466 4.96 11.13 4.79
CA GLY B 466 4.79 10.02 3.92
C GLY B 466 5.93 9.84 2.95
N SER B 467 5.69 8.93 1.99
CA SER B 467 6.76 8.42 1.19
C SER B 467 6.52 8.51 -0.31
N TYR B 468 5.27 8.65 -0.78
CA TYR B 468 5.06 8.60 -2.24
C TYR B 468 5.61 9.88 -2.91
N ALA B 469 5.44 11.05 -2.29
CA ALA B 469 5.93 12.28 -2.91
C ALA B 469 7.46 12.28 -2.98
N LYS B 470 8.08 11.79 -1.92
CA LYS B 470 9.52 11.87 -1.73
C LYS B 470 10.26 10.77 -2.51
N GLU B 471 9.78 9.54 -2.41
CA GLU B 471 10.44 8.35 -2.94
C GLU B 471 9.75 7.75 -4.16
N GLY B 472 8.51 8.16 -4.45
CA GLY B 472 7.76 7.50 -5.50
C GLY B 472 7.33 6.10 -5.13
N THR B 473 7.41 5.72 -3.85
CA THR B 473 6.98 4.40 -3.39
C THR B 473 6.43 4.56 -1.95
N LEU B 474 5.77 3.51 -1.44
CA LEU B 474 5.23 3.57 -0.08
C LEU B 474 6.16 2.95 0.95
N ASP B 475 5.97 3.33 2.23
CA ASP B 475 6.83 2.69 3.24
C ASP B 475 6.31 1.27 3.46
N GLN B 476 7.16 0.45 4.09
CA GLN B 476 6.86 -0.98 4.09
C GLN B 476 5.52 -1.33 4.74
N GLU B 477 5.24 -0.78 5.93
CA GLU B 477 3.97 -1.08 6.61
C GLU B 477 2.78 -0.68 5.74
N THR B 478 2.85 0.53 5.14
CA THR B 478 1.76 1.01 4.28
C THR B 478 1.59 0.12 3.06
N LYS B 479 2.70 -0.40 2.48
CA LYS B 479 2.59 -1.28 1.36
C LYS B 479 1.80 -2.53 1.74
N ILE B 480 2.10 -3.11 2.92
CA ILE B 480 1.38 -4.29 3.37
C ILE B 480 -0.12 -4.00 3.58
N ARG B 481 -0.45 -2.86 4.20
CA ARG B 481 -1.86 -2.50 4.40
C ARG B 481 -2.54 -2.27 3.04
N PHE B 482 -1.80 -1.67 2.09
CA PHE B 482 -2.36 -1.42 0.75
C PHE B 482 -2.68 -2.74 0.04
N GLN B 483 -1.77 -3.73 0.18
CA GLN B 483 -2.05 -5.02 -0.44
C GLN B 483 -3.31 -5.67 0.17
N ARG B 484 -3.61 -5.43 1.49
CA ARG B 484 -4.86 -5.93 2.07
C ARG B 484 -6.08 -5.25 1.44
N VAL B 485 -6.02 -3.93 1.26
CA VAL B 485 -7.12 -3.20 0.64
C VAL B 485 -7.41 -3.72 -0.76
N LEU B 486 -6.36 -3.84 -1.55
CA LEU B 486 -6.51 -4.29 -2.93
C LEU B 486 -7.03 -5.72 -3.03
N ALA B 487 -6.60 -6.63 -2.14
CA ALA B 487 -7.09 -8.02 -2.17
C ALA B 487 -8.56 -8.09 -1.76
N ARG B 488 -8.98 -7.28 -0.77
CA ARG B 488 -10.36 -7.30 -0.36
C ARG B 488 -11.25 -6.78 -1.49
N ASP B 489 -10.79 -5.76 -2.22
CA ASP B 489 -11.53 -5.24 -3.37
C ASP B 489 -11.64 -6.27 -4.48
N ARG B 490 -10.52 -6.91 -4.85
CA ARG B 490 -10.53 -7.88 -5.95
C ARG B 490 -11.53 -9.00 -5.67
N ASN B 491 -11.67 -9.36 -4.41
CA ASN B 491 -12.53 -10.45 -4.02
C ASN B 491 -13.92 -10.01 -3.54
N ASN B 492 -14.24 -8.71 -3.61
CA ASN B 492 -15.56 -8.23 -3.20
C ASN B 492 -16.62 -8.52 -4.24
#